data_8JHC
#
_entry.id   8JHC
#
_cell.length_a   1.00
_cell.length_b   1.00
_cell.length_c   1.00
_cell.angle_alpha   90.00
_cell.angle_beta   90.00
_cell.angle_gamma   90.00
#
_symmetry.space_group_name_H-M   'P 1'
#
loop_
_entity.id
_entity.type
_entity.pdbx_description
1 polymer 'Frizzled-3,Soluble cytochrome b562'
2 polymer 'anti-BRIL Fab Heavy chain'
3 polymer 'anti-Fab Nanobody'
4 polymer 'anti-BRIL Fab Light chain'
#
loop_
_entity_poly.entity_id
_entity_poly.type
_entity_poly.pdbx_seq_one_letter_code
_entity_poly.pdbx_strand_id
1 'polypeptide(L)'
;MKTIIALSYIFCLVFADYKDDDDKHHHHHHHHHHENLYFQGHSLFSCEPITLRMCQDLPYNTTFMPNLLNHYDQQTAALA
MEPFHPMVNLDCSRDFRPFLCALYAPICMEYGRVTLPCRRLCQRAYSECSKLMEMFGVPWPEDMECSRFPDCDEPYPRLV
DLNLAGEPTEGAPVAVQRDYGFWCPRELKIDPDLGYSFLHVRDCSPPCPNMYFRREELSFARYFIGLISIICLSATLFTF
LTFLIDVTRFRYPERPIIFYAVCYMMVSLIFFIGFLLEDRVACNASIPAQYKASTVTQGSHNKACTMLFMILYFFTMAGS
VWWVILTITWFLAAVPKWGSEAIEKKALLFHASAWGIPGTLTIILLAMNKIEGDNISGVCFVGLYDVDALRYFVLAPLCL
YVVVGVSLLLAGIISLNRRIARRQLADLEDNWETLNDNLKVIEKADNAAQVKDALTKMRAAALDAQKATPPKLEDKSPDS
PEMKDFRHGFDILVGQIDDALKLANEGKVKEAQAAAEQLKTTRNAYIQKYLERARSTLNQDKLVKFMIRIGVFSILYLVP
LLVVIGCYFYEQAYRGIWETTWIQERCREYHIPCPYQVTQMSRPDLILFLMKYLMALIVGIPSVFWVGSKKTCFEWASFF
HGR
;
R
2 'polypeptide(L)'
;EVQLVESGGGLVQPGGSLRLSCAASGFNVVDFSLHWVRQAPGKGLEWVAYISSSSGSTSYADSVKGRFTISADTSKNTAY
LQMNSLRAEDTAVYYCARWGYWPGEPWWKAFDYWGQGTLVTVSSASTKGPSVFPLAPSSKSTSGGTAALGCLVKDYFPEP
VTVSWNSGALTSGVHTFPAVLQSSGLYSLSSVVTVPSSSLGTQTYICNVNHKPSNTKVDKKVEPKSLEVLFQGPHHHHHH
;
H
3 'polypeptide(L)'
;HHHHHHENLYFQGQVQLQESGGGLVQPGGSLRLSCAASGRTISRYAMSWFRQAPGKEREFVAVARRSGDGAFYADSVQGR
FTVSRDDAKNTVYLQMNSLKPEDTAVYYCAIDSDTFYSGSYDYWGQGTQVTVSS
;
K
4 'polypeptide(L)'
;DIQMTQSPSSLSASVGDRVTITCRASQSVSSAVAWYQQKPGKAPKLLIYSASSLYSGVPSRFSGSRSGTDFTLTISSLQP
EDFATYYCQQYLYYSLVTFGQGTKVEIKRTVAAPSVFIFPPSDSQLKSGTASVVCLLNNFYPREAKVQWKVDNALQSGNS
QESVTEQDSKDSTYSLSSTLTLSKADYEKHKVYACEVTHQGLSSPVTKSFNR
;
L
#
# COMPACT_ATOMS: atom_id res chain seq x y z
N TRP A 183 -40.03 6.65 -55.50
CA TRP A 183 -40.02 7.28 -54.18
C TRP A 183 -39.98 8.80 -54.27
N CYS A 184 -39.93 9.33 -55.49
CA CYS A 184 -39.82 10.76 -55.69
C CYS A 184 -40.99 11.26 -56.52
N PRO A 185 -41.62 12.35 -56.09
CA PRO A 185 -42.80 12.85 -56.79
C PRO A 185 -42.42 13.57 -58.08
N ARG A 186 -43.46 13.82 -58.91
CA ARG A 186 -43.27 14.55 -60.14
C ARG A 186 -42.85 15.99 -59.88
N GLU A 187 -43.18 16.52 -58.72
CA GLU A 187 -42.78 17.87 -58.34
C GLU A 187 -41.37 17.92 -57.77
N LEU A 188 -40.67 16.78 -57.73
CA LEU A 188 -39.36 16.70 -57.11
C LEU A 188 -38.35 15.94 -57.96
N LYS A 189 -38.67 15.67 -59.23
CA LYS A 189 -37.85 14.84 -60.10
C LYS A 189 -36.96 15.71 -60.97
N ILE A 190 -35.71 15.27 -61.15
CA ILE A 190 -34.70 16.03 -61.88
C ILE A 190 -34.17 15.16 -63.01
N ASP A 191 -33.64 15.81 -64.06
CA ASP A 191 -33.02 15.09 -65.15
C ASP A 191 -31.75 14.38 -64.68
N PRO A 192 -31.45 13.20 -65.24
CA PRO A 192 -30.41 12.33 -64.65
C PRO A 192 -28.98 12.80 -64.87
N ASP A 193 -28.04 11.93 -64.47
CA ASP A 193 -26.58 12.09 -64.61
C ASP A 193 -26.07 13.45 -64.11
N LEU A 194 -26.75 14.01 -63.12
CA LEU A 194 -26.28 15.22 -62.45
C LEU A 194 -25.90 14.96 -61.00
N GLY A 195 -25.87 13.69 -60.58
CA GLY A 195 -25.42 13.34 -59.25
C GLY A 195 -26.46 13.44 -58.16
N TYR A 196 -27.72 13.70 -58.50
CA TYR A 196 -28.76 13.85 -57.48
C TYR A 196 -29.11 12.49 -56.89
N SER A 197 -28.93 12.36 -55.58
CA SER A 197 -29.21 11.11 -54.87
C SER A 197 -29.77 11.45 -53.49
N PHE A 198 -31.09 11.32 -53.35
CA PHE A 198 -31.78 11.51 -52.08
C PHE A 198 -32.60 10.27 -51.79
N LEU A 199 -32.59 9.84 -50.53
CA LEU A 199 -33.32 8.65 -50.07
C LEU A 199 -32.91 7.40 -50.82
N HIS A 200 -31.61 7.33 -51.15
CA HIS A 200 -30.98 6.18 -51.79
C HIS A 200 -31.57 5.86 -53.17
N VAL A 201 -32.27 6.82 -53.78
CA VAL A 201 -32.82 6.63 -55.12
C VAL A 201 -32.30 7.75 -56.01
N ARG A 202 -31.89 7.37 -57.22
CA ARG A 202 -31.31 8.32 -58.16
C ARG A 202 -32.37 9.33 -58.61
N ASP A 203 -31.90 10.55 -58.89
CA ASP A 203 -32.73 11.63 -59.44
C ASP A 203 -33.82 12.08 -58.48
N CYS A 204 -33.41 12.40 -57.25
CA CYS A 204 -34.32 12.99 -56.27
C CYS A 204 -33.50 13.88 -55.34
N SER A 205 -34.17 14.86 -54.74
CA SER A 205 -33.48 15.84 -53.91
C SER A 205 -34.46 16.43 -52.92
N PRO A 206 -34.03 16.74 -51.69
CA PRO A 206 -34.98 17.22 -50.68
C PRO A 206 -35.50 18.60 -51.04
N PRO A 207 -36.69 18.96 -50.55
CA PRO A 207 -37.24 20.30 -50.83
C PRO A 207 -36.43 21.39 -50.14
N CYS A 208 -36.42 22.56 -50.77
CA CYS A 208 -35.68 23.71 -50.25
C CYS A 208 -36.34 24.40 -49.06
N PRO A 209 -37.59 24.88 -49.14
CA PRO A 209 -38.07 25.74 -48.03
C PRO A 209 -38.38 24.98 -46.76
N ASN A 210 -39.03 23.82 -46.85
CA ASN A 210 -39.52 23.10 -45.68
C ASN A 210 -39.07 21.66 -45.76
N MET A 211 -38.29 21.21 -44.77
CA MET A 211 -37.97 19.80 -44.64
C MET A 211 -38.93 19.12 -43.67
N TYR A 212 -38.97 19.56 -42.42
CA TYR A 212 -40.07 19.24 -41.52
C TYR A 212 -40.41 20.33 -40.52
N PHE A 213 -39.78 21.50 -40.57
CA PHE A 213 -39.97 22.51 -39.55
C PHE A 213 -41.07 23.50 -39.94
N ARG A 214 -41.41 24.38 -39.00
CA ARG A 214 -42.40 25.42 -39.24
C ARG A 214 -41.75 26.60 -39.98
N ARG A 215 -42.60 27.39 -40.62
CA ARG A 215 -42.11 28.57 -41.33
C ARG A 215 -41.57 29.62 -40.36
N GLU A 216 -42.35 29.94 -39.33
CA GLU A 216 -41.92 30.91 -38.33
C GLU A 216 -40.73 30.38 -37.53
N GLU A 217 -40.72 29.09 -37.23
CA GLU A 217 -39.59 28.50 -36.53
C GLU A 217 -38.33 28.57 -37.36
N LEU A 218 -38.44 28.31 -38.67
CA LEU A 218 -37.28 28.43 -39.55
C LEU A 218 -36.79 29.88 -39.64
N SER A 219 -37.73 30.83 -39.68
CA SER A 219 -37.34 32.24 -39.71
C SER A 219 -36.60 32.62 -38.43
N PHE A 220 -37.10 32.17 -37.28
CA PHE A 220 -36.43 32.46 -36.01
C PHE A 220 -35.07 31.81 -35.95
N ALA A 221 -34.95 30.58 -36.45
CA ALA A 221 -33.65 29.89 -36.46
C ALA A 221 -32.66 30.62 -37.36
N ARG A 222 -33.11 31.08 -38.52
CA ARG A 222 -32.25 31.82 -39.42
C ARG A 222 -31.79 33.14 -38.80
N TYR A 223 -32.72 33.84 -38.14
CA TYR A 223 -32.36 35.10 -37.48
C TYR A 223 -31.39 34.86 -36.33
N PHE A 224 -31.57 33.77 -35.58
CA PHE A 224 -30.67 33.43 -34.49
C PHE A 224 -29.27 33.09 -35.01
N ILE A 225 -29.21 32.35 -36.12
CA ILE A 225 -27.93 32.02 -36.72
C ILE A 225 -27.22 33.29 -37.19
N GLY A 226 -27.96 34.21 -37.80
CA GLY A 226 -27.36 35.48 -38.17
C GLY A 226 -26.90 36.29 -36.97
N LEU A 227 -27.67 36.23 -35.88
CA LEU A 227 -27.34 36.99 -34.67
C LEU A 227 -26.05 36.49 -34.04
N ILE A 228 -25.85 35.17 -33.96
CA ILE A 228 -24.57 34.69 -33.46
C ILE A 228 -23.46 34.93 -34.50
N SER A 229 -23.81 34.86 -35.79
CA SER A 229 -22.79 34.97 -36.83
C SER A 229 -22.16 36.35 -36.87
N ILE A 230 -22.96 37.40 -36.70
CA ILE A 230 -22.41 38.75 -36.78
C ILE A 230 -21.44 39.01 -35.62
N ILE A 231 -21.81 38.61 -34.41
CA ILE A 231 -20.93 38.84 -33.26
C ILE A 231 -19.70 37.94 -33.33
N CYS A 232 -19.84 36.71 -33.85
CA CYS A 232 -18.69 35.84 -34.03
C CYS A 232 -17.72 36.43 -35.04
N LEU A 233 -18.25 36.97 -36.15
CA LEU A 233 -17.41 37.62 -37.14
C LEU A 233 -16.71 38.83 -36.55
N SER A 234 -17.42 39.62 -35.74
CA SER A 234 -16.82 40.80 -35.12
C SER A 234 -15.68 40.41 -34.17
N ALA A 235 -15.92 39.45 -33.29
CA ALA A 235 -14.90 39.03 -32.33
C ALA A 235 -13.70 38.40 -33.03
N THR A 236 -13.94 37.55 -34.01
CA THR A 236 -12.84 36.89 -34.69
C THR A 236 -12.07 37.87 -35.57
N LEU A 237 -12.74 38.87 -36.14
CA LEU A 237 -12.02 39.92 -36.85
C LEU A 237 -11.21 40.78 -35.90
N PHE A 238 -11.68 40.96 -34.66
CA PHE A 238 -10.87 41.62 -33.65
C PHE A 238 -9.60 40.82 -33.35
N THR A 239 -9.74 39.50 -33.26
CA THR A 239 -8.56 38.64 -33.05
C THR A 239 -7.59 38.74 -34.22
N PHE A 240 -8.10 38.72 -35.44
CA PHE A 240 -7.21 38.83 -36.60
C PHE A 240 -6.58 40.21 -36.70
N LEU A 241 -7.30 41.26 -36.28
CA LEU A 241 -6.70 42.59 -36.26
C LEU A 241 -5.61 42.68 -35.20
N THR A 242 -5.80 42.01 -34.07
CA THR A 242 -4.76 41.94 -33.05
C THR A 242 -3.52 41.23 -33.60
N PHE A 243 -3.73 40.20 -34.42
CA PHE A 243 -2.60 39.59 -35.12
C PHE A 243 -1.95 40.57 -36.10
N LEU A 244 -2.77 41.33 -36.82
CA LEU A 244 -2.24 42.23 -37.85
C LEU A 244 -1.50 43.41 -37.27
N ILE A 245 -1.79 43.81 -36.03
CA ILE A 245 -1.06 44.93 -35.44
C ILE A 245 0.37 44.55 -35.06
N ASP A 246 0.64 43.26 -34.90
CA ASP A 246 2.00 42.79 -34.62
C ASP A 246 2.10 41.34 -35.06
N VAL A 247 2.78 41.09 -36.19
CA VAL A 247 2.86 39.75 -36.74
C VAL A 247 3.75 38.83 -35.90
N THR A 248 4.68 39.40 -35.12
CA THR A 248 5.56 38.61 -34.27
C THR A 248 5.15 38.66 -32.81
N ARG A 249 3.92 39.07 -32.53
CA ARG A 249 3.44 39.16 -31.15
C ARG A 249 3.33 37.78 -30.51
N PHE A 250 2.82 36.79 -31.25
CA PHE A 250 2.60 35.45 -30.74
C PHE A 250 3.67 34.52 -31.27
N ARG A 251 4.39 33.86 -30.37
CA ARG A 251 5.40 32.90 -30.77
C ARG A 251 4.75 31.55 -31.08
N TYR A 252 5.54 30.65 -31.67
CA TYR A 252 4.99 29.43 -32.21
C TYR A 252 4.45 28.43 -31.18
N PRO A 253 4.90 28.43 -29.92
CA PRO A 253 4.15 27.68 -28.90
C PRO A 253 2.70 28.11 -28.77
N GLU A 254 2.36 29.35 -29.13
CA GLU A 254 0.97 29.80 -29.14
C GLU A 254 0.51 30.36 -30.48
N ARG A 255 1.37 30.34 -31.51
CA ARG A 255 0.96 30.79 -32.84
C ARG A 255 -0.23 30.04 -33.45
N PRO A 256 -0.37 28.71 -33.31
CA PRO A 256 -1.54 28.04 -33.92
C PRO A 256 -2.90 28.58 -33.48
N ILE A 257 -2.97 29.33 -32.38
CA ILE A 257 -4.26 29.89 -31.99
C ILE A 257 -4.70 30.97 -32.98
N ILE A 258 -3.78 31.62 -33.68
CA ILE A 258 -4.24 32.64 -34.60
C ILE A 258 -4.70 32.01 -35.93
N PHE A 259 -4.13 30.87 -36.31
CA PHE A 259 -4.68 30.17 -37.46
C PHE A 259 -6.01 29.52 -37.10
N TYR A 260 -6.15 29.09 -35.85
CA TYR A 260 -7.47 28.71 -35.31
C TYR A 260 -8.46 29.85 -35.48
N ALA A 261 -8.03 31.07 -35.13
CA ALA A 261 -8.91 32.23 -35.21
C ALA A 261 -9.28 32.56 -36.64
N VAL A 262 -8.34 32.49 -37.58
CA VAL A 262 -8.66 32.83 -38.97
C VAL A 262 -9.53 31.75 -39.59
N CYS A 263 -9.30 30.47 -39.23
CA CYS A 263 -10.16 29.41 -39.73
C CYS A 263 -11.59 29.61 -39.24
N TYR A 264 -11.76 29.90 -37.95
CA TYR A 264 -13.12 30.04 -37.48
C TYR A 264 -13.73 31.38 -37.84
N MET A 265 -12.92 32.38 -38.21
CA MET A 265 -13.48 33.59 -38.78
C MET A 265 -14.03 33.33 -40.17
N MET A 266 -13.37 32.46 -40.95
CA MET A 266 -13.94 32.09 -42.24
C MET A 266 -15.20 31.25 -42.06
N VAL A 267 -15.21 30.38 -41.04
CA VAL A 267 -16.42 29.60 -40.74
C VAL A 267 -17.58 30.53 -40.40
N SER A 268 -17.35 31.52 -39.53
CA SER A 268 -18.40 32.45 -39.17
C SER A 268 -18.81 33.33 -40.34
N LEU A 269 -17.86 33.69 -41.21
CA LEU A 269 -18.19 34.49 -42.39
C LEU A 269 -19.10 33.73 -43.33
N ILE A 270 -18.82 32.44 -43.54
CA ILE A 270 -19.69 31.63 -44.39
C ILE A 270 -21.05 31.45 -43.75
N PHE A 271 -21.09 31.23 -42.43
CA PHE A 271 -22.39 31.05 -41.79
C PHE A 271 -23.18 32.34 -41.68
N PHE A 272 -22.53 33.49 -41.83
CA PHE A 272 -23.25 34.75 -41.92
C PHE A 272 -23.72 35.01 -43.34
N ILE A 273 -22.92 34.61 -44.33
CA ILE A 273 -23.35 34.67 -45.72
C ILE A 273 -24.58 33.80 -45.93
N GLY A 274 -24.66 32.68 -45.21
CA GLY A 274 -25.85 31.85 -45.26
C GLY A 274 -27.11 32.59 -44.80
N PHE A 275 -27.00 33.33 -43.70
CA PHE A 275 -28.14 34.11 -43.22
C PHE A 275 -28.48 35.27 -44.16
N LEU A 276 -27.45 35.94 -44.69
CA LEU A 276 -27.69 37.10 -45.54
C LEU A 276 -28.31 36.69 -46.87
N LEU A 277 -27.87 35.57 -47.43
CA LEU A 277 -28.34 35.13 -48.73
C LEU A 277 -29.54 34.20 -48.64
N GLU A 278 -29.95 33.81 -47.43
CA GLU A 278 -31.11 32.96 -47.18
C GLU A 278 -31.04 31.66 -47.97
N ASP A 279 -31.89 31.52 -48.98
CA ASP A 279 -31.94 30.33 -49.81
C ASP A 279 -31.67 30.62 -51.28
N ARG A 280 -30.94 31.69 -51.59
CA ARG A 280 -30.64 32.00 -52.98
C ARG A 280 -29.43 31.24 -53.52
N VAL A 281 -28.64 30.61 -52.66
CA VAL A 281 -27.44 29.88 -53.08
C VAL A 281 -27.59 28.38 -52.85
N ALA A 282 -27.81 27.98 -51.60
CA ALA A 282 -27.91 26.55 -51.27
C ALA A 282 -29.33 26.03 -51.47
N CYS A 283 -29.90 26.32 -52.65
CA CYS A 283 -31.24 25.89 -53.03
C CYS A 283 -31.36 26.05 -54.54
N ASN A 284 -32.08 25.13 -55.17
CA ASN A 284 -32.41 25.32 -56.57
C ASN A 284 -33.71 26.13 -56.68
N ALA A 285 -33.89 26.75 -57.84
CA ALA A 285 -35.06 27.57 -58.07
C ALA A 285 -36.23 26.73 -58.57
N SER A 286 -37.44 27.18 -58.25
CA SER A 286 -38.64 26.51 -58.73
C SER A 286 -38.94 26.90 -60.17
N ILE A 287 -39.78 26.10 -60.81
CA ILE A 287 -40.26 26.41 -62.15
C ILE A 287 -41.68 25.84 -62.30
N PRO A 288 -42.70 26.68 -62.25
CA PRO A 288 -44.08 26.17 -62.39
C PRO A 288 -44.37 25.57 -63.76
N ALA A 289 -43.70 26.05 -64.81
CA ALA A 289 -43.91 25.51 -66.14
C ALA A 289 -43.47 24.05 -66.22
N GLN A 290 -42.37 23.71 -65.55
CA GLN A 290 -41.90 22.32 -65.49
C GLN A 290 -42.51 21.56 -64.33
N TYR A 291 -43.36 22.20 -63.52
CA TYR A 291 -44.05 21.59 -62.38
C TYR A 291 -43.06 20.99 -61.38
N LYS A 292 -41.95 21.68 -61.16
CA LYS A 292 -40.95 21.30 -60.18
C LYS A 292 -40.87 22.33 -59.06
N ALA A 293 -40.40 21.88 -57.90
CA ALA A 293 -40.34 22.71 -56.71
C ALA A 293 -38.89 23.01 -56.36
N SER A 294 -38.70 24.00 -55.50
CA SER A 294 -37.36 24.39 -55.09
C SER A 294 -36.74 23.28 -54.26
N THR A 295 -35.49 22.94 -54.57
CA THR A 295 -34.85 21.76 -53.98
C THR A 295 -33.39 22.06 -53.68
N VAL A 296 -32.76 21.12 -52.99
CA VAL A 296 -31.41 21.29 -52.51
C VAL A 296 -30.42 21.03 -53.63
N THR A 297 -29.46 21.94 -53.80
CA THR A 297 -28.40 21.72 -54.77
C THR A 297 -27.48 20.62 -54.25
N GLN A 298 -27.27 19.60 -55.08
CA GLN A 298 -26.53 18.39 -54.69
C GLN A 298 -25.73 17.93 -55.91
N GLY A 299 -24.49 18.37 -55.99
CA GLY A 299 -23.63 17.99 -57.10
C GLY A 299 -22.75 19.14 -57.51
N SER A 300 -22.19 19.02 -58.71
CA SER A 300 -21.31 20.06 -59.23
C SER A 300 -22.11 21.20 -59.84
N HIS A 301 -22.87 20.91 -60.90
CA HIS A 301 -23.60 21.91 -61.69
C HIS A 301 -22.68 23.04 -62.12
N ASN A 302 -23.17 24.28 -62.02
CA ASN A 302 -22.35 25.48 -62.13
C ASN A 302 -22.84 26.41 -61.02
N LYS A 303 -22.32 26.21 -59.82
CA LYS A 303 -22.88 26.87 -58.65
C LYS A 303 -21.79 27.13 -57.64
N ALA A 304 -21.92 28.26 -56.93
CA ALA A 304 -20.99 28.66 -55.89
C ALA A 304 -21.11 27.80 -54.63
N CYS A 305 -22.14 26.94 -54.56
CA CYS A 305 -22.25 26.01 -53.44
C CYS A 305 -21.04 25.10 -53.34
N THR A 306 -20.40 24.81 -54.48
CA THR A 306 -19.14 24.07 -54.46
C THR A 306 -18.09 24.84 -53.68
N MET A 307 -17.93 26.13 -53.97
CA MET A 307 -16.95 26.96 -53.28
C MET A 307 -17.29 27.09 -51.80
N LEU A 308 -18.57 27.23 -51.48
CA LEU A 308 -18.99 27.33 -50.09
C LEU A 308 -18.66 26.05 -49.33
N PHE A 309 -18.89 24.89 -49.94
CA PHE A 309 -18.50 23.63 -49.31
C PHE A 309 -17.00 23.59 -49.10
N MET A 310 -16.23 23.99 -50.12
CA MET A 310 -14.78 24.00 -50.01
C MET A 310 -14.33 24.79 -48.80
N ILE A 311 -14.78 26.04 -48.68
CA ILE A 311 -14.28 26.90 -47.62
C ILE A 311 -14.75 26.40 -46.26
N LEU A 312 -16.04 26.04 -46.15
CA LEU A 312 -16.58 25.67 -44.85
C LEU A 312 -15.95 24.38 -44.33
N TYR A 313 -15.94 23.33 -45.16
CA TYR A 313 -15.37 22.06 -44.71
C TYR A 313 -13.88 22.19 -44.48
N PHE A 314 -13.17 22.86 -45.40
CA PHE A 314 -11.72 23.00 -45.30
C PHE A 314 -11.34 23.70 -44.02
N PHE A 315 -12.00 24.82 -43.70
CA PHE A 315 -11.55 25.60 -42.56
C PHE A 315 -12.09 25.04 -41.25
N THR A 316 -13.22 24.31 -41.26
CA THR A 316 -13.63 23.64 -40.03
C THR A 316 -12.65 22.52 -39.66
N MET A 317 -12.32 21.66 -40.62
CA MET A 317 -11.34 20.63 -40.36
C MET A 317 -9.99 21.22 -40.03
N ALA A 318 -9.65 22.35 -40.68
CA ALA A 318 -8.37 23.00 -40.42
C ALA A 318 -8.31 23.54 -39.00
N GLY A 319 -9.40 24.14 -38.51
CA GLY A 319 -9.40 24.62 -37.14
C GLY A 319 -9.28 23.51 -36.13
N SER A 320 -9.97 22.38 -36.37
CA SER A 320 -9.83 21.25 -35.46
C SER A 320 -8.41 20.70 -35.48
N VAL A 321 -7.81 20.58 -36.68
CA VAL A 321 -6.44 20.08 -36.78
C VAL A 321 -5.47 21.07 -36.17
N TRP A 322 -5.78 22.36 -36.21
CA TRP A 322 -4.90 23.35 -35.60
C TRP A 322 -4.96 23.29 -34.09
N TRP A 323 -6.12 22.95 -33.52
CA TRP A 323 -6.16 22.68 -32.08
C TRP A 323 -5.36 21.42 -31.75
N VAL A 324 -5.43 20.41 -32.61
CA VAL A 324 -4.61 19.21 -32.42
C VAL A 324 -3.12 19.57 -32.46
N ILE A 325 -2.75 20.46 -33.37
CA ILE A 325 -1.37 20.93 -33.48
C ILE A 325 -0.98 21.74 -32.26
N LEU A 326 -1.90 22.52 -31.69
CA LEU A 326 -1.61 23.23 -30.46
C LEU A 326 -1.34 22.25 -29.32
N THR A 327 -2.12 21.17 -29.25
CA THR A 327 -1.82 20.13 -28.26
C THR A 327 -0.46 19.49 -28.53
N ILE A 328 -0.12 19.31 -29.81
CA ILE A 328 1.18 18.75 -30.18
C ILE A 328 2.31 19.69 -29.73
N THR A 329 2.14 20.99 -29.96
CA THR A 329 3.17 21.96 -29.57
C THR A 329 3.30 22.05 -28.07
N TRP A 330 2.20 21.87 -27.33
CA TRP A 330 2.33 21.81 -25.89
C TRP A 330 3.03 20.55 -25.45
N PHE A 331 2.80 19.43 -26.15
CA PHE A 331 3.54 18.21 -25.85
C PHE A 331 5.03 18.40 -26.09
N LEU A 332 5.39 19.02 -27.21
CA LEU A 332 6.80 19.28 -27.49
C LEU A 332 7.41 20.24 -26.49
N ALA A 333 6.59 21.04 -25.81
CA ALA A 333 7.06 21.86 -24.71
C ALA A 333 6.89 21.19 -23.36
N ALA A 334 6.42 19.95 -23.31
CA ALA A 334 6.26 19.24 -22.06
C ALA A 334 7.20 18.05 -21.91
N VAL A 335 7.11 17.06 -22.79
CA VAL A 335 8.01 15.91 -22.65
C VAL A 335 9.39 16.19 -23.27
N PRO A 336 9.53 16.44 -24.59
CA PRO A 336 10.89 16.76 -25.07
C PRO A 336 11.12 18.27 -25.13
N LYS A 337 11.31 18.86 -23.95
CA LYS A 337 11.16 20.29 -23.73
C LYS A 337 11.94 21.16 -24.70
N TRP A 338 11.22 21.88 -25.56
CA TRP A 338 11.78 22.74 -26.59
C TRP A 338 11.35 24.18 -26.32
N GLY A 339 11.65 25.06 -27.26
CA GLY A 339 11.33 26.47 -27.14
C GLY A 339 10.61 26.97 -28.38
N SER A 340 10.74 28.27 -28.62
CA SER A 340 10.14 28.91 -29.78
C SER A 340 11.05 28.85 -31.00
N GLU A 341 11.99 27.92 -31.04
CA GLU A 341 12.90 27.73 -32.16
C GLU A 341 12.75 26.37 -32.82
N ALA A 342 12.70 25.29 -32.03
CA ALA A 342 12.57 23.97 -32.61
C ALA A 342 11.20 23.74 -33.20
N ILE A 343 10.16 24.34 -32.62
CA ILE A 343 8.83 24.22 -33.20
C ILE A 343 8.72 25.05 -34.47
N GLU A 344 9.50 26.13 -34.58
CA GLU A 344 9.56 26.88 -35.82
C GLU A 344 10.15 26.04 -36.95
N LYS A 345 11.17 25.24 -36.65
CA LYS A 345 11.80 24.43 -37.69
C LYS A 345 10.90 23.27 -38.15
N LYS A 346 9.83 22.98 -37.41
CA LYS A 346 8.83 22.02 -37.83
C LYS A 346 7.55 22.67 -38.32
N ALA A 347 7.57 23.99 -38.56
CA ALA A 347 6.36 24.70 -38.95
C ALA A 347 5.92 24.35 -40.36
N LEU A 348 6.87 24.07 -41.26
CA LEU A 348 6.51 23.66 -42.61
C LEU A 348 5.73 22.36 -42.61
N LEU A 349 6.20 21.37 -41.83
CA LEU A 349 5.48 20.11 -41.72
C LEU A 349 4.14 20.28 -41.02
N PHE A 350 4.07 21.19 -40.04
CA PHE A 350 2.80 21.47 -39.37
C PHE A 350 1.78 22.05 -40.33
N HIS A 351 2.19 23.03 -41.14
CA HIS A 351 1.27 23.56 -42.14
C HIS A 351 0.92 22.52 -43.18
N ALA A 352 1.89 21.68 -43.56
CA ALA A 352 1.61 20.60 -44.50
C ALA A 352 0.52 19.68 -43.98
N SER A 353 0.59 19.29 -42.71
CA SER A 353 -0.49 18.48 -42.15
C SER A 353 -1.79 19.27 -42.06
N ALA A 354 -1.75 20.45 -41.43
CA ALA A 354 -2.94 21.20 -41.08
C ALA A 354 -3.65 21.77 -42.29
N TRP A 355 -3.04 21.72 -43.47
CA TRP A 355 -3.75 22.00 -44.71
C TRP A 355 -3.67 20.82 -45.66
N GLY A 356 -3.18 19.67 -45.21
CA GLY A 356 -3.14 18.48 -46.03
C GLY A 356 -4.22 17.47 -45.74
N ILE A 357 -4.39 17.06 -44.46
CA ILE A 357 -5.55 16.23 -44.12
C ILE A 357 -6.88 16.92 -44.40
N PRO A 358 -7.11 18.18 -44.02
CA PRO A 358 -8.32 18.85 -44.53
C PRO A 358 -8.34 19.02 -46.03
N GLY A 359 -7.20 19.30 -46.67
CA GLY A 359 -7.20 19.45 -48.12
C GLY A 359 -7.48 18.15 -48.84
N THR A 360 -6.84 17.07 -48.41
CA THR A 360 -7.08 15.77 -49.04
C THR A 360 -8.50 15.28 -48.78
N LEU A 361 -9.01 15.50 -47.57
CA LEU A 361 -10.39 15.11 -47.29
C LEU A 361 -11.37 15.91 -48.13
N THR A 362 -11.09 17.21 -48.33
CA THR A 362 -11.95 18.03 -49.17
C THR A 362 -11.92 17.56 -50.62
N ILE A 363 -10.74 17.21 -51.14
CA ILE A 363 -10.68 16.75 -52.53
C ILE A 363 -11.31 15.37 -52.66
N ILE A 364 -11.25 14.55 -51.62
CA ILE A 364 -11.91 13.25 -51.64
C ILE A 364 -13.43 13.42 -51.67
N LEU A 365 -13.96 14.31 -50.83
CA LEU A 365 -15.41 14.51 -50.79
C LEU A 365 -15.91 15.21 -52.04
N LEU A 366 -15.12 16.12 -52.61
CA LEU A 366 -15.51 16.72 -53.88
C LEU A 366 -15.41 15.71 -55.02
N ALA A 367 -14.55 14.70 -54.89
CA ALA A 367 -14.40 13.70 -55.93
C ALA A 367 -15.57 12.73 -55.93
N MET A 368 -16.08 12.38 -54.75
CA MET A 368 -17.11 11.36 -54.63
C MET A 368 -18.53 11.93 -54.76
N ASN A 369 -18.66 13.22 -55.06
CA ASN A 369 -19.96 13.87 -55.29
C ASN A 369 -20.88 13.73 -54.09
N LYS A 370 -20.38 14.10 -52.92
CA LYS A 370 -21.14 14.04 -51.69
C LYS A 370 -21.40 15.42 -51.10
N ILE A 371 -21.31 16.47 -51.94
CA ILE A 371 -21.70 17.80 -51.51
C ILE A 371 -23.21 17.86 -51.38
N GLU A 372 -23.69 18.59 -50.38
CA GLU A 372 -25.12 18.76 -50.14
C GLU A 372 -25.38 20.23 -49.84
N GLY A 373 -26.60 20.52 -49.39
CA GLY A 373 -26.93 21.91 -49.10
C GLY A 373 -27.86 22.10 -47.93
N ASP A 374 -27.54 23.08 -47.08
CA ASP A 374 -28.41 23.43 -45.97
C ASP A 374 -29.59 24.27 -46.46
N ASN A 375 -30.65 24.28 -45.66
CA ASN A 375 -31.78 25.16 -45.90
C ASN A 375 -32.09 25.96 -44.63
N ILE A 376 -31.74 25.38 -43.48
CA ILE A 376 -31.95 26.07 -42.21
C ILE A 376 -31.08 27.31 -42.13
N SER A 377 -29.80 27.19 -42.50
CA SER A 377 -28.86 28.29 -42.40
C SER A 377 -28.66 29.01 -43.73
N GLY A 378 -28.23 28.30 -44.76
CA GLY A 378 -27.96 28.92 -46.04
C GLY A 378 -26.57 28.66 -46.56
N VAL A 379 -25.93 27.61 -46.05
CA VAL A 379 -24.59 27.24 -46.46
C VAL A 379 -24.63 25.86 -47.10
N CYS A 380 -23.48 25.36 -47.54
CA CYS A 380 -23.36 24.02 -48.08
C CYS A 380 -22.33 23.24 -47.27
N PHE A 381 -22.62 21.96 -47.02
CA PHE A 381 -21.79 21.17 -46.14
C PHE A 381 -22.04 19.70 -46.46
N VAL A 382 -21.18 18.83 -45.92
CA VAL A 382 -21.26 17.40 -46.13
C VAL A 382 -21.70 16.73 -44.85
N GLY A 383 -22.53 15.71 -44.97
CA GLY A 383 -23.06 15.01 -43.80
C GLY A 383 -24.37 15.59 -43.32
N LEU A 384 -25.21 16.01 -44.25
CA LEU A 384 -26.50 16.61 -43.94
C LEU A 384 -27.67 15.70 -44.27
N TYR A 385 -27.71 15.18 -45.50
CA TYR A 385 -28.77 14.27 -45.92
C TYR A 385 -28.24 12.91 -46.34
N ASP A 386 -26.95 12.65 -46.12
CA ASP A 386 -26.36 11.33 -46.35
C ASP A 386 -25.82 10.81 -45.03
N VAL A 387 -26.19 9.58 -44.69
CA VAL A 387 -25.87 9.05 -43.37
C VAL A 387 -24.37 8.76 -43.23
N ASP A 388 -23.76 8.17 -44.26
CA ASP A 388 -22.36 7.74 -44.14
C ASP A 388 -21.40 8.91 -44.14
N ALA A 389 -21.73 9.98 -44.86
CA ALA A 389 -20.87 11.16 -44.89
C ALA A 389 -20.76 11.79 -43.51
N LEU A 390 -21.86 11.88 -42.77
CA LEU A 390 -21.80 12.30 -41.39
C LEU A 390 -21.27 11.22 -40.48
N ARG A 391 -21.32 9.97 -40.91
CA ARG A 391 -20.86 8.87 -40.07
C ARG A 391 -19.35 8.88 -39.94
N TYR A 392 -18.64 8.71 -41.06
CA TYR A 392 -17.20 8.52 -40.98
C TYR A 392 -16.39 9.52 -41.80
N PHE A 393 -16.98 10.64 -42.21
CA PHE A 393 -16.21 11.71 -42.83
C PHE A 393 -16.32 13.04 -42.10
N VAL A 394 -17.20 13.15 -41.12
CA VAL A 394 -17.33 14.37 -40.32
C VAL A 394 -17.18 14.04 -38.84
N LEU A 395 -18.03 13.13 -38.34
CA LEU A 395 -18.03 12.82 -36.92
C LEU A 395 -16.80 12.02 -36.52
N ALA A 396 -16.43 11.02 -37.31
CA ALA A 396 -15.24 10.23 -37.00
C ALA A 396 -13.94 11.03 -37.02
N PRO A 397 -13.67 11.91 -38.01
CA PRO A 397 -12.44 12.72 -37.90
C PRO A 397 -12.43 13.64 -36.69
N LEU A 398 -13.56 14.24 -36.33
CA LEU A 398 -13.59 15.10 -35.14
C LEU A 398 -13.38 14.29 -33.87
N CYS A 399 -13.96 13.09 -33.81
CA CYS A 399 -13.77 12.23 -32.65
C CYS A 399 -12.31 11.80 -32.54
N LEU A 400 -11.68 11.49 -33.68
CA LEU A 400 -10.26 11.14 -33.68
C LEU A 400 -9.41 12.31 -33.22
N TYR A 401 -9.75 13.52 -33.67
CA TYR A 401 -9.03 14.72 -33.25
C TYR A 401 -9.16 14.93 -31.75
N VAL A 402 -10.37 14.75 -31.22
CA VAL A 402 -10.59 14.93 -29.79
C VAL A 402 -9.82 13.89 -28.99
N VAL A 403 -9.82 12.63 -29.44
CA VAL A 403 -9.09 11.59 -28.74
C VAL A 403 -7.59 11.88 -28.74
N VAL A 404 -7.05 12.28 -29.89
CA VAL A 404 -5.62 12.57 -30.00
C VAL A 404 -5.27 13.76 -29.11
N GLY A 405 -6.08 14.81 -29.14
CA GLY A 405 -5.80 15.99 -28.36
C GLY A 405 -5.89 15.76 -26.87
N VAL A 406 -6.91 15.04 -26.43
CA VAL A 406 -7.05 14.76 -25.01
C VAL A 406 -5.93 13.83 -24.53
N SER A 407 -5.53 12.86 -25.38
CA SER A 407 -4.42 12.00 -25.02
C SER A 407 -3.12 12.79 -24.87
N LEU A 408 -2.85 13.69 -25.82
CA LEU A 408 -1.62 14.47 -25.72
C LEU A 408 -1.66 15.45 -24.56
N LEU A 409 -2.83 16.04 -24.29
CA LEU A 409 -2.98 16.92 -23.15
C LEU A 409 -2.77 16.19 -21.83
N LEU A 410 -3.34 14.98 -21.70
CA LEU A 410 -3.16 14.21 -20.48
C LEU A 410 -1.71 13.76 -20.32
N ALA A 411 -1.06 13.40 -21.44
CA ALA A 411 0.36 13.07 -21.38
C ALA A 411 1.18 14.25 -20.91
N GLY A 412 0.88 15.45 -21.42
CA GLY A 412 1.57 16.64 -20.97
C GLY A 412 1.32 16.95 -19.50
N ILE A 413 0.07 16.78 -19.05
CA ILE A 413 -0.26 17.05 -17.65
C ILE A 413 0.48 16.10 -16.72
N ILE A 414 0.47 14.82 -17.07
CA ILE A 414 1.15 13.81 -16.25
C ILE A 414 2.65 14.07 -16.25
N SER A 415 3.24 14.34 -17.42
CA SER A 415 4.67 14.58 -17.49
C SER A 415 5.07 15.90 -16.82
N LEU A 416 4.16 16.85 -16.71
CA LEU A 416 4.48 18.11 -16.06
C LEU A 416 4.27 18.06 -14.56
N ASN A 417 3.36 17.23 -14.07
CA ASN A 417 3.10 17.13 -12.64
C ASN A 417 3.78 15.93 -11.98
N ARG A 418 4.61 15.20 -12.70
CA ARG A 418 5.40 14.12 -12.08
C ARG A 418 6.58 14.68 -11.30
N ALA A 421 6.95 16.56 -13.88
CA ALA A 421 8.27 16.92 -13.39
C ALA A 421 8.18 17.96 -12.28
N ARG A 422 6.96 18.33 -11.88
CA ARG A 422 6.82 19.38 -10.88
C ARG A 422 7.03 18.87 -9.47
N ARG A 423 6.36 17.77 -9.10
CA ARG A 423 6.51 17.28 -7.74
C ARG A 423 7.88 16.66 -7.51
N GLN A 424 8.50 16.11 -8.56
CA GLN A 424 9.87 15.62 -8.41
C GLN A 424 10.85 16.77 -8.31
N LEU A 425 10.50 17.94 -8.83
CA LEU A 425 11.27 19.15 -8.56
C LEU A 425 10.85 19.77 -7.23
N ALA A 426 9.62 19.52 -6.79
CA ALA A 426 9.18 20.04 -5.51
C ALA A 426 9.87 19.34 -4.35
N ASP A 427 10.00 18.01 -4.41
CA ASP A 427 10.68 17.30 -3.33
C ASP A 427 12.18 17.55 -3.35
N LEU A 428 12.78 17.68 -4.53
CA LEU A 428 14.20 17.99 -4.61
C LEU A 428 14.48 19.39 -4.05
N GLU A 429 13.54 20.32 -4.25
CA GLU A 429 13.65 21.62 -3.61
C GLU A 429 13.50 21.50 -2.10
N ASP A 430 12.56 20.69 -1.64
CA ASP A 430 12.38 20.48 -0.21
C ASP A 430 13.56 19.77 0.42
N ASN A 431 14.14 18.80 -0.30
CA ASN A 431 15.34 18.13 0.19
C ASN A 431 16.54 19.07 0.19
N TRP A 432 16.59 20.02 -0.75
CA TRP A 432 17.73 20.93 -0.78
C TRP A 432 17.57 22.06 0.22
N GLU A 433 16.34 22.52 0.48
CA GLU A 433 16.16 23.58 1.45
C GLU A 433 16.29 23.07 2.87
N THR A 434 15.95 21.81 3.12
CA THR A 434 16.21 21.20 4.42
C THR A 434 17.67 20.83 4.59
N LEU A 435 18.47 20.94 3.53
CA LEU A 435 19.91 20.80 3.62
C LEU A 435 20.59 22.15 3.80
N ASN A 436 20.07 23.19 3.14
CA ASN A 436 20.69 24.51 3.27
C ASN A 436 20.35 25.15 4.60
N ASP A 437 19.10 25.03 5.04
CA ASP A 437 18.71 25.57 6.35
C ASP A 437 19.41 24.83 7.47
N ASN A 438 19.55 23.51 7.33
CA ASN A 438 20.24 22.75 8.36
C ASN A 438 21.74 23.04 8.38
N LEU A 439 22.31 23.38 7.22
CA LEU A 439 23.71 23.78 7.19
C LEU A 439 23.92 25.08 7.94
N LYS A 440 22.95 25.99 7.87
CA LYS A 440 22.99 27.20 8.69
C LYS A 440 22.78 26.87 10.16
N VAL A 441 21.94 25.87 10.46
CA VAL A 441 21.72 25.46 11.84
C VAL A 441 23.00 24.90 12.45
N ILE A 442 23.74 24.11 11.67
CA ILE A 442 25.01 23.58 12.13
C ILE A 442 26.01 24.70 12.38
N GLU A 443 26.05 25.69 11.48
CA GLU A 443 27.11 26.70 11.50
C GLU A 443 27.08 27.54 12.77
N LYS A 444 25.89 27.94 13.20
CA LYS A 444 25.74 28.79 14.38
C LYS A 444 25.25 28.02 15.59
N ALA A 445 25.69 26.77 15.75
CA ALA A 445 25.32 25.95 16.88
C ALA A 445 26.54 25.68 17.76
N ASP A 446 26.26 25.15 18.93
CA ASP A 446 27.29 24.74 19.88
C ASP A 446 27.06 23.27 20.24
N ASN A 447 27.81 22.79 21.24
CA ASN A 447 27.65 21.45 21.83
C ASN A 447 27.99 20.33 20.85
N ALA A 448 28.23 19.14 21.38
CA ALA A 448 28.54 17.98 20.55
C ALA A 448 27.31 17.18 20.19
N ALA A 449 26.12 17.60 20.63
CA ALA A 449 24.90 16.83 20.41
C ALA A 449 24.12 17.30 19.18
N GLN A 450 23.81 18.59 19.10
CA GLN A 450 22.97 19.06 18.00
C GLN A 450 23.71 19.10 16.68
N VAL A 451 25.05 19.06 16.69
CA VAL A 451 25.79 18.94 15.44
C VAL A 451 25.54 17.57 14.81
N LYS A 452 25.44 16.52 15.64
CA LYS A 452 25.09 15.21 15.12
C LYS A 452 23.62 15.13 14.77
N ASP A 453 22.76 15.71 15.61
CA ASP A 453 21.32 15.65 15.37
C ASP A 453 20.90 16.49 14.17
N ALA A 454 21.73 17.43 13.74
CA ALA A 454 21.42 18.18 12.53
C ALA A 454 22.03 17.54 11.30
N LEU A 455 23.28 17.06 11.40
CA LEU A 455 23.93 16.41 10.27
C LEU A 455 23.21 15.12 9.88
N THR A 456 22.57 14.45 10.84
CA THR A 456 21.86 13.21 10.51
C THR A 456 20.63 13.47 9.65
N LYS A 457 20.12 14.71 9.66
CA LYS A 457 19.07 15.07 8.72
C LYS A 457 19.65 15.49 7.38
N MET A 458 20.89 15.95 7.36
CA MET A 458 21.55 16.28 6.11
C MET A 458 21.80 15.03 5.27
N ARG A 459 22.29 13.97 5.91
CA ARG A 459 22.58 12.73 5.20
C ARG A 459 21.30 12.09 4.68
N ALA A 460 20.23 12.15 5.47
CA ALA A 460 18.96 11.60 5.02
C ALA A 460 18.41 12.39 3.84
N ALA A 461 18.60 13.70 3.83
CA ALA A 461 18.13 14.52 2.72
C ALA A 461 18.97 14.29 1.47
N ALA A 462 20.28 14.09 1.65
CA ALA A 462 21.16 13.94 0.49
C ALA A 462 20.89 12.65 -0.26
N LEU A 463 20.57 11.57 0.46
CA LEU A 463 20.29 10.30 -0.19
C LEU A 463 19.01 10.35 -0.99
N ASP A 464 17.99 11.01 -0.45
CA ASP A 464 16.72 11.16 -1.17
C ASP A 464 16.88 12.10 -2.36
N ALA A 465 17.76 13.09 -2.26
CA ALA A 465 17.98 14.00 -3.37
C ALA A 465 18.72 13.32 -4.51
N GLN A 466 19.58 12.35 -4.19
CA GLN A 466 20.25 11.58 -5.23
C GLN A 466 19.26 10.75 -6.04
N LYS A 467 18.21 10.26 -5.40
CA LYS A 467 17.26 9.39 -6.08
C LYS A 467 16.38 10.15 -7.06
N ALA A 468 16.27 11.47 -6.94
CA ALA A 468 15.34 12.23 -7.77
C ALA A 468 15.84 12.38 -9.20
N THR A 469 17.00 13.04 -9.36
CA THR A 469 17.65 13.38 -10.63
C THR A 469 16.71 13.67 -11.81
N MET A 483 23.81 14.00 -16.52
CA MET A 483 23.06 13.35 -15.46
C MET A 483 23.98 12.48 -14.60
N LYS A 484 25.00 11.90 -15.23
CA LYS A 484 25.99 11.13 -14.48
C LYS A 484 26.76 12.01 -13.52
N ASP A 485 27.11 13.22 -13.95
CA ASP A 485 27.76 14.16 -13.04
C ASP A 485 26.78 14.73 -12.03
N PHE A 486 25.48 14.68 -12.33
CA PHE A 486 24.46 15.17 -11.42
C PHE A 486 23.99 14.09 -10.45
N ARG A 487 24.59 12.91 -10.48
CA ARG A 487 24.46 11.91 -9.45
C ARG A 487 25.77 11.61 -8.74
N HIS A 488 26.89 11.76 -9.45
CA HIS A 488 28.20 11.63 -8.80
C HIS A 488 28.45 12.78 -7.83
N GLY A 489 27.84 13.94 -8.08
CA GLY A 489 27.99 15.06 -7.16
C GLY A 489 27.34 14.80 -5.82
N PHE A 490 26.12 14.25 -5.81
CA PHE A 490 25.49 13.89 -4.55
C PHE A 490 26.22 12.74 -3.88
N ASP A 491 26.90 11.91 -4.66
CA ASP A 491 27.67 10.80 -4.10
C ASP A 491 28.87 11.31 -3.30
N ILE A 492 29.54 12.36 -3.80
CA ILE A 492 30.65 12.93 -3.06
C ILE A 492 30.18 13.88 -1.96
N LEU A 493 28.91 14.31 -2.01
CA LEU A 493 28.37 15.10 -0.92
C LEU A 493 28.05 14.24 0.29
N VAL A 494 27.51 13.04 0.05
CA VAL A 494 27.18 12.13 1.15
C VAL A 494 28.44 11.70 1.88
N GLY A 495 29.49 11.38 1.12
CA GLY A 495 30.77 11.08 1.74
C GLY A 495 31.36 12.27 2.48
N GLN A 496 31.03 13.49 2.05
CA GLN A 496 31.47 14.67 2.77
C GLN A 496 30.71 14.84 4.07
N ILE A 497 29.43 14.47 4.09
CA ILE A 497 28.69 14.42 5.34
C ILE A 497 29.24 13.32 6.23
N ASP A 498 29.64 12.20 5.62
CA ASP A 498 30.24 11.11 6.36
C ASP A 498 31.52 11.54 7.07
N ASP A 499 32.36 12.32 6.38
CA ASP A 499 33.58 12.81 7.01
C ASP A 499 33.28 13.82 8.11
N ALA A 500 32.20 14.58 7.97
CA ALA A 500 31.80 15.49 9.03
C ALA A 500 31.19 14.74 10.21
N LEU A 501 30.45 13.66 9.93
CA LEU A 501 29.75 12.93 10.97
C LEU A 501 30.69 12.05 11.78
N LYS A 502 31.79 11.58 11.19
CA LYS A 502 32.74 10.79 11.96
C LYS A 502 33.54 11.67 12.92
N LEU A 503 33.74 12.94 12.57
CA LEU A 503 34.40 13.86 13.48
C LEU A 503 33.49 14.26 14.63
N ALA A 504 32.18 14.33 14.38
CA ALA A 504 31.24 14.72 15.42
C ALA A 504 31.07 13.64 16.47
N ASN A 505 31.12 12.37 16.07
CA ASN A 505 30.98 11.29 17.03
C ASN A 505 32.17 11.21 17.97
N GLU A 506 33.35 11.63 17.52
CA GLU A 506 34.56 11.60 18.33
C GLU A 506 34.69 12.83 19.22
N GLY A 507 33.61 13.58 19.43
CA GLY A 507 33.62 14.71 20.32
C GLY A 507 34.49 15.87 19.88
N LYS A 508 34.53 16.15 18.58
CA LYS A 508 35.24 17.30 18.04
C LYS A 508 34.21 18.21 17.39
N VAL A 509 34.00 19.39 17.97
CA VAL A 509 32.89 20.23 17.57
C VAL A 509 33.29 21.23 16.48
N LYS A 510 34.47 21.85 16.59
CA LYS A 510 34.86 22.83 15.60
C LYS A 510 35.30 22.20 14.30
N GLU A 511 35.78 20.95 14.34
CA GLU A 511 36.14 20.27 13.11
C GLU A 511 34.91 19.93 12.28
N ALA A 512 33.79 19.65 12.93
CA ALA A 512 32.53 19.47 12.21
C ALA A 512 32.06 20.78 11.58
N GLN A 513 32.35 21.91 12.22
CA GLN A 513 32.08 23.20 11.60
C GLN A 513 32.93 23.40 10.35
N ALA A 514 34.20 23.02 10.41
CA ALA A 514 35.07 23.17 9.26
C ALA A 514 34.77 22.15 8.18
N ALA A 515 34.28 20.97 8.57
CA ALA A 515 33.94 19.97 7.56
C ALA A 515 32.62 20.30 6.88
N ALA A 516 31.66 20.87 7.61
CA ALA A 516 30.38 21.18 7.02
C ALA A 516 30.46 22.41 6.11
N GLU A 517 31.35 23.35 6.42
CA GLU A 517 31.45 24.55 5.59
C GLU A 517 32.06 24.27 4.23
N GLN A 518 32.69 23.11 4.04
CA GLN A 518 33.17 22.72 2.73
C GLN A 518 32.06 22.16 1.85
N LEU A 519 30.85 22.00 2.38
CA LEU A 519 29.72 21.60 1.55
C LEU A 519 29.19 22.76 0.73
N LYS A 520 29.52 23.99 1.09
CA LYS A 520 29.02 25.15 0.36
C LYS A 520 29.67 25.25 -1.02
N THR A 521 30.94 24.88 -1.13
CA THR A 521 31.61 24.88 -2.42
C THR A 521 30.98 23.85 -3.36
N THR A 522 30.65 22.68 -2.85
CA THR A 522 30.10 21.61 -3.69
C THR A 522 28.70 21.97 -4.18
N ARG A 523 27.91 22.67 -3.37
CA ARG A 523 26.56 23.06 -3.77
C ARG A 523 26.61 24.02 -4.95
N ASN A 524 27.44 25.07 -4.86
CA ASN A 524 27.51 26.05 -5.93
C ASN A 524 28.14 25.45 -7.19
N ALA A 525 29.14 24.58 -7.01
CA ALA A 525 29.87 24.02 -8.14
C ALA A 525 29.03 23.11 -9.02
N TYR A 526 27.93 22.57 -8.50
CA TYR A 526 27.16 21.62 -9.28
C TYR A 526 25.67 21.96 -9.39
N ILE A 527 25.04 22.49 -8.34
CA ILE A 527 23.59 22.71 -8.33
C ILE A 527 23.46 24.19 -7.94
N GLN A 528 22.23 24.65 -7.62
CA GLN A 528 21.84 25.96 -7.07
C GLN A 528 21.76 27.04 -8.15
N LYS A 529 22.26 26.74 -9.34
CA LYS A 529 21.81 27.46 -10.53
C LYS A 529 20.79 26.62 -11.27
N TYR A 530 20.82 25.31 -11.05
CA TYR A 530 19.90 24.38 -11.67
C TYR A 530 18.47 24.56 -11.17
N LEU A 531 18.28 25.11 -9.98
CA LEU A 531 16.93 25.22 -9.44
C LEU A 531 16.14 26.38 -10.04
N GLU A 532 16.67 27.60 -9.99
CA GLU A 532 15.92 28.73 -10.54
C GLU A 532 15.81 28.66 -12.06
N ARG A 533 16.73 27.94 -12.72
CA ARG A 533 16.53 27.64 -14.13
C ARG A 533 15.43 26.60 -14.32
N ALA A 534 15.29 25.66 -13.37
CA ALA A 534 14.19 24.71 -13.42
C ALA A 534 12.87 25.35 -13.00
N ARG A 535 12.90 26.23 -11.99
CA ARG A 535 11.67 26.86 -11.51
C ARG A 535 11.14 27.93 -12.45
N SER A 536 11.89 28.30 -13.48
CA SER A 536 11.38 29.16 -14.53
C SER A 536 10.87 28.37 -15.72
N THR A 537 11.62 27.33 -16.15
CA THR A 537 11.18 26.48 -17.24
C THR A 537 10.04 25.56 -16.82
N LEU A 538 9.73 25.49 -15.54
CA LEU A 538 8.64 24.64 -15.06
C LEU A 538 7.65 25.48 -14.28
N ASP A 541 8.05 29.72 -13.61
CA ASP A 541 6.84 28.90 -13.71
C ASP A 541 6.01 29.29 -14.93
N LYS A 542 6.68 29.53 -16.06
CA LYS A 542 5.96 29.91 -17.27
C LYS A 542 5.19 28.74 -17.86
N LEU A 543 5.68 27.51 -17.66
CA LEU A 543 4.93 26.36 -18.12
C LEU A 543 3.67 26.13 -17.28
N VAL A 544 3.69 26.54 -16.02
CA VAL A 544 2.48 26.44 -15.19
C VAL A 544 1.39 27.34 -15.76
N LYS A 545 1.73 28.59 -16.09
CA LYS A 545 0.72 29.50 -16.63
C LYS A 545 0.33 29.13 -18.05
N PHE A 546 1.25 28.58 -18.83
CA PHE A 546 0.89 28.08 -20.16
C PHE A 546 -0.06 26.89 -20.05
N MET A 547 0.19 26.01 -19.09
CA MET A 547 -0.70 24.88 -18.85
C MET A 547 -2.08 25.35 -18.41
N ILE A 548 -2.12 26.38 -17.56
CA ILE A 548 -3.41 26.91 -17.11
C ILE A 548 -4.18 27.52 -18.27
N ARG A 549 -3.49 28.30 -19.12
CA ARG A 549 -4.16 28.90 -20.27
C ARG A 549 -4.65 27.85 -21.25
N ILE A 550 -3.82 26.84 -21.55
CA ILE A 550 -4.24 25.82 -22.50
C ILE A 550 -5.34 24.95 -21.90
N GLY A 551 -5.34 24.77 -20.57
CA GLY A 551 -6.43 24.04 -19.96
C GLY A 551 -7.74 24.80 -20.01
N VAL A 552 -7.69 26.11 -19.78
CA VAL A 552 -8.90 26.94 -19.90
C VAL A 552 -9.40 26.95 -21.34
N PHE A 553 -8.48 27.09 -22.30
CA PHE A 553 -8.85 27.08 -23.71
C PHE A 553 -9.45 25.75 -24.11
N SER A 554 -8.86 24.65 -23.66
CA SER A 554 -9.40 23.32 -23.97
C SER A 554 -10.76 23.11 -23.32
N ILE A 555 -10.94 23.52 -22.06
CA ILE A 555 -12.21 23.30 -21.39
C ILE A 555 -13.28 24.28 -21.87
N LEU A 556 -12.91 25.36 -22.56
CA LEU A 556 -13.87 26.28 -23.11
C LEU A 556 -14.16 26.01 -24.58
N TYR A 557 -13.28 25.29 -25.28
CA TYR A 557 -13.51 24.93 -26.68
C TYR A 557 -14.03 23.52 -26.88
N LEU A 558 -13.61 22.58 -26.03
CA LEU A 558 -14.02 21.19 -26.20
C LEU A 558 -15.50 21.00 -25.90
N VAL A 559 -16.03 21.72 -24.91
CA VAL A 559 -17.44 21.57 -24.55
C VAL A 559 -18.37 21.93 -25.70
N PRO A 560 -18.21 23.06 -26.42
CA PRO A 560 -18.97 23.23 -27.67
C PRO A 560 -18.68 22.14 -28.68
N LEU A 561 -17.42 21.70 -28.79
CA LEU A 561 -17.08 20.64 -29.73
C LEU A 561 -17.71 19.32 -29.31
N LEU A 562 -17.74 19.03 -28.00
CA LEU A 562 -18.38 17.81 -27.54
C LEU A 562 -19.89 17.87 -27.74
N VAL A 563 -20.50 19.05 -27.62
CA VAL A 563 -21.92 19.19 -27.90
C VAL A 563 -22.19 18.94 -29.38
N VAL A 564 -21.33 19.47 -30.25
CA VAL A 564 -21.50 19.24 -31.69
C VAL A 564 -21.33 17.76 -32.01
N ILE A 565 -20.38 17.10 -31.36
CA ILE A 565 -20.20 15.65 -31.55
C ILE A 565 -21.44 14.89 -31.08
N GLY A 566 -22.00 15.29 -29.95
CA GLY A 566 -23.21 14.62 -29.47
C GLY A 566 -24.39 14.80 -30.39
N CYS A 567 -24.57 15.99 -30.94
CA CYS A 567 -25.68 16.20 -31.86
C CYS A 567 -25.45 15.50 -33.18
N TYR A 568 -24.20 15.40 -33.64
CA TYR A 568 -23.91 14.61 -34.82
C TYR A 568 -24.21 13.13 -34.58
N PHE A 569 -23.92 12.63 -33.37
CA PHE A 569 -24.28 11.27 -33.03
C PHE A 569 -25.80 11.09 -33.02
N TYR A 570 -26.53 12.08 -32.51
CA TYR A 570 -27.99 12.01 -32.47
C TYR A 570 -28.57 11.99 -33.88
N GLU A 571 -28.00 12.78 -34.80
CA GLU A 571 -28.47 12.74 -36.18
C GLU A 571 -28.03 11.46 -36.88
N GLN A 572 -26.91 10.86 -36.43
CA GLN A 572 -26.49 9.58 -36.98
C GLN A 572 -27.46 8.47 -36.60
N ALA A 573 -27.92 8.46 -35.34
CA ALA A 573 -28.71 7.35 -34.83
C ALA A 573 -30.05 7.23 -35.56
N TYR A 574 -30.90 8.25 -35.44
CA TYR A 574 -32.30 8.14 -35.86
C TYR A 574 -32.54 8.68 -37.26
N ARG A 575 -31.76 8.25 -38.25
CA ARG A 575 -32.01 8.77 -39.60
C ARG A 575 -33.17 8.02 -40.27
N GLY A 576 -33.23 6.70 -40.10
CA GLY A 576 -34.30 5.94 -40.71
C GLY A 576 -35.65 6.26 -40.12
N ILE A 577 -35.70 6.43 -38.79
CA ILE A 577 -36.96 6.78 -38.13
C ILE A 577 -37.44 8.16 -38.58
N TRP A 578 -36.52 9.12 -38.68
CA TRP A 578 -36.92 10.46 -39.09
C TRP A 578 -37.42 10.47 -40.53
N GLU A 579 -36.73 9.76 -41.43
CA GLU A 579 -37.21 9.72 -42.81
C GLU A 579 -38.51 8.95 -42.93
N THR A 580 -38.71 7.91 -42.12
CA THR A 580 -39.97 7.17 -42.13
C THR A 580 -41.12 8.06 -41.67
N THR A 581 -40.89 8.87 -40.64
CA THR A 581 -41.92 9.79 -40.18
C THR A 581 -42.20 10.86 -41.23
N TRP A 582 -41.17 11.32 -41.93
CA TRP A 582 -41.36 12.25 -43.04
C TRP A 582 -42.27 11.64 -44.09
N ILE A 583 -41.99 10.40 -44.50
CA ILE A 583 -42.78 9.76 -45.55
C ILE A 583 -44.20 9.50 -45.07
N GLN A 584 -44.36 9.05 -43.83
CA GLN A 584 -45.69 8.76 -43.30
C GLN A 584 -46.53 10.02 -43.17
N GLU A 585 -45.94 11.11 -42.68
CA GLU A 585 -46.68 12.36 -42.59
C GLU A 585 -46.91 12.98 -43.96
N ARG A 586 -45.88 13.00 -44.80
CA ARG A 586 -45.98 13.59 -46.13
C ARG A 586 -46.19 12.48 -47.15
N CYS A 587 -47.44 12.07 -47.29
CA CYS A 587 -47.79 11.01 -48.24
C CYS A 587 -48.78 11.47 -49.29
N ARG A 588 -49.87 12.13 -48.89
CA ARG A 588 -50.94 12.44 -49.82
C ARG A 588 -50.52 13.52 -50.81
N GLU A 589 -49.92 14.60 -50.32
CA GLU A 589 -49.55 15.71 -51.20
C GLU A 589 -48.39 15.37 -52.12
N TYR A 590 -47.66 14.30 -51.84
CA TYR A 590 -46.57 13.86 -52.70
C TYR A 590 -46.93 12.65 -53.54
N HIS A 591 -48.09 12.03 -53.28
CA HIS A 591 -48.71 11.00 -54.11
C HIS A 591 -47.91 9.70 -54.20
N ILE A 592 -46.82 9.58 -53.45
CA ILE A 592 -46.07 8.35 -53.37
C ILE A 592 -46.86 7.37 -52.49
N PRO A 593 -46.64 6.06 -52.60
CA PRO A 593 -47.31 5.13 -51.69
C PRO A 593 -46.89 5.37 -50.24
N CYS A 594 -47.86 5.21 -49.34
CA CYS A 594 -47.60 5.38 -47.92
C CYS A 594 -46.82 4.18 -47.38
N PRO A 595 -46.08 4.37 -46.28
CA PRO A 595 -45.37 3.25 -45.66
C PRO A 595 -46.32 2.15 -45.20
N TYR A 596 -45.85 0.90 -45.31
CA TYR A 596 -46.69 -0.24 -44.96
C TYR A 596 -46.98 -0.29 -43.46
N GLN A 597 -45.95 -0.15 -42.64
CA GLN A 597 -46.11 -0.25 -41.19
C GLN A 597 -44.98 0.49 -40.52
N VAL A 598 -44.84 0.30 -39.21
CA VAL A 598 -43.81 0.89 -38.37
C VAL A 598 -43.86 2.41 -38.46
N THR A 599 -44.88 3.01 -37.87
CA THR A 599 -45.00 4.46 -37.83
C THR A 599 -43.88 5.08 -37.02
N GLN A 600 -43.86 4.81 -35.71
CA GLN A 600 -42.84 5.30 -34.77
C GLN A 600 -42.66 6.81 -34.89
N MET A 601 -43.72 7.54 -34.53
CA MET A 601 -43.77 8.99 -34.73
C MET A 601 -42.71 9.69 -33.91
N SER A 602 -41.84 10.43 -34.59
CA SER A 602 -40.74 11.15 -33.93
C SER A 602 -40.34 12.32 -34.82
N ARG A 603 -40.78 13.52 -34.46
CA ARG A 603 -40.36 14.73 -35.15
C ARG A 603 -39.22 15.38 -34.40
N PRO A 604 -38.05 15.54 -35.00
CA PRO A 604 -36.87 16.01 -34.25
C PRO A 604 -37.03 17.45 -33.80
N ASP A 605 -36.43 17.75 -32.65
CA ASP A 605 -36.63 19.03 -32.00
C ASP A 605 -35.72 20.09 -32.58
N LEU A 606 -36.25 21.31 -32.68
CA LEU A 606 -35.46 22.45 -33.13
C LEU A 606 -34.31 22.76 -32.18
N ILE A 607 -34.48 22.40 -30.90
CA ILE A 607 -33.46 22.71 -29.89
C ILE A 607 -32.16 21.99 -30.20
N LEU A 608 -32.24 20.72 -30.61
CA LEU A 608 -31.02 19.95 -30.87
C LEU A 608 -30.24 20.52 -32.05
N PHE A 609 -30.92 20.73 -33.18
CA PHE A 609 -30.23 21.23 -34.36
C PHE A 609 -29.76 22.66 -34.17
N LEU A 610 -30.51 23.48 -33.43
CA LEU A 610 -30.05 24.83 -33.16
C LEU A 610 -28.85 24.82 -32.22
N MET A 611 -28.79 23.85 -31.30
CA MET A 611 -27.58 23.67 -30.50
C MET A 611 -26.40 23.27 -31.37
N LYS A 612 -26.63 22.39 -32.34
CA LYS A 612 -25.55 21.94 -33.22
C LYS A 612 -25.03 23.09 -34.07
N TYR A 613 -25.91 23.96 -34.57
CA TYR A 613 -25.49 25.13 -35.31
C TYR A 613 -24.99 26.25 -34.40
N LEU A 614 -25.27 26.17 -33.10
CA LEU A 614 -24.84 27.19 -32.15
C LEU A 614 -23.41 26.94 -31.69
N MET A 615 -23.14 25.74 -31.20
CA MET A 615 -21.82 25.41 -30.68
C MET A 615 -20.79 25.17 -31.77
N ALA A 616 -21.21 25.04 -33.03
CA ALA A 616 -20.27 24.98 -34.13
C ALA A 616 -19.75 26.34 -34.55
N LEU A 617 -20.33 27.42 -34.01
CA LEU A 617 -19.89 28.78 -34.30
C LEU A 617 -19.31 29.49 -33.09
N ILE A 618 -19.72 29.12 -31.88
CA ILE A 618 -19.18 29.73 -30.67
C ILE A 618 -17.74 29.32 -30.41
N VAL A 619 -17.25 28.28 -31.12
CA VAL A 619 -15.86 27.84 -30.98
C VAL A 619 -14.88 28.91 -31.36
N GLY A 620 -15.27 29.85 -32.23
CA GLY A 620 -14.40 30.96 -32.56
C GLY A 620 -14.29 32.01 -31.48
N ILE A 621 -15.20 31.99 -30.51
CA ILE A 621 -15.19 32.93 -29.40
C ILE A 621 -14.02 32.59 -28.48
N PRO A 622 -13.60 31.32 -28.42
CA PRO A 622 -12.55 30.94 -27.47
C PRO A 622 -11.19 31.55 -27.76
N SER A 623 -11.00 32.16 -28.92
CA SER A 623 -9.72 32.80 -29.20
C SER A 623 -9.58 34.12 -28.44
N VAL A 624 -10.70 34.83 -28.23
CA VAL A 624 -10.68 36.19 -27.69
C VAL A 624 -10.05 36.20 -26.29
N PHE A 625 -10.33 35.17 -25.49
CA PHE A 625 -9.77 35.07 -24.15
C PHE A 625 -8.24 35.09 -24.19
N TRP A 626 -7.65 34.41 -25.17
CA TRP A 626 -6.20 34.44 -25.30
C TRP A 626 -5.73 35.74 -25.94
N VAL A 627 -6.59 36.40 -26.72
CA VAL A 627 -6.17 37.62 -27.40
C VAL A 627 -6.16 38.80 -26.44
N GLY A 628 -7.24 38.99 -25.69
CA GLY A 628 -7.34 40.11 -24.79
C GLY A 628 -7.00 39.76 -23.35
N GLU B 1 34.12 -19.76 0.00
CA GLU B 1 33.00 -18.87 0.25
C GLU B 1 33.30 -17.97 1.44
N VAL B 2 32.84 -16.72 1.37
CA VAL B 2 33.09 -15.75 2.43
C VAL B 2 32.31 -16.15 3.68
N GLN B 3 32.99 -16.14 4.83
CA GLN B 3 32.36 -16.62 6.05
C GLN B 3 33.03 -15.97 7.26
N LEU B 4 32.32 -16.01 8.38
CA LEU B 4 32.77 -15.40 9.63
C LEU B 4 32.58 -16.39 10.77
N VAL B 5 33.59 -16.50 11.63
CA VAL B 5 33.59 -17.43 12.76
C VAL B 5 33.80 -16.64 14.04
N GLU B 6 32.93 -16.86 15.03
CA GLU B 6 33.04 -16.20 16.32
C GLU B 6 33.48 -17.20 17.38
N SER B 7 34.27 -16.72 18.33
CA SER B 7 34.77 -17.55 19.41
C SER B 7 35.05 -16.69 20.63
N GLY B 8 35.13 -17.35 21.78
CA GLY B 8 35.47 -16.69 23.03
C GLY B 8 34.37 -16.67 24.08
N GLY B 9 33.16 -17.11 23.77
CA GLY B 9 32.09 -17.05 24.74
C GLY B 9 32.25 -18.07 25.85
N GLY B 10 31.58 -17.79 26.97
CA GLY B 10 31.64 -18.70 28.10
C GLY B 10 31.00 -18.07 29.33
N LEU B 11 31.33 -18.65 30.49
CA LEU B 11 30.81 -18.20 31.77
C LEU B 11 31.78 -17.20 32.38
N VAL B 12 31.27 -16.03 32.75
CA VAL B 12 32.06 -15.03 33.46
C VAL B 12 31.28 -14.47 34.63
N GLN B 13 32.01 -14.03 35.64
CA GLN B 13 31.45 -13.43 36.84
C GLN B 13 31.03 -11.99 36.58
N PRO B 14 30.14 -11.44 37.40
CA PRO B 14 29.82 -10.01 37.28
C PRO B 14 31.05 -9.15 37.52
N GLY B 15 31.17 -8.09 36.74
CA GLY B 15 32.33 -7.22 36.80
C GLY B 15 33.56 -7.77 36.10
N GLY B 16 33.45 -8.91 35.44
CA GLY B 16 34.58 -9.53 34.78
C GLY B 16 34.84 -8.96 33.40
N SER B 17 35.79 -9.58 32.71
CA SER B 17 36.21 -9.15 31.40
C SER B 17 36.24 -10.35 30.45
N LEU B 18 35.90 -10.10 29.19
CA LEU B 18 35.92 -11.16 28.20
C LEU B 18 36.32 -10.59 26.84
N ARG B 19 36.96 -11.41 26.02
CA ARG B 19 37.41 -10.99 24.69
C ARG B 19 36.86 -11.98 23.66
N LEU B 20 35.99 -11.49 22.79
CA LEU B 20 35.45 -12.26 21.68
C LEU B 20 36.25 -11.98 20.42
N SER B 21 36.35 -12.99 19.57
CA SER B 21 37.08 -12.91 18.32
C SER B 21 36.17 -13.29 17.16
N CYS B 22 36.28 -12.54 16.06
CA CYS B 22 35.54 -12.80 14.83
C CYS B 22 36.53 -12.86 13.69
N ALA B 23 36.69 -14.04 13.11
CA ALA B 23 37.64 -14.27 12.03
C ALA B 23 36.92 -14.33 10.70
N ALA B 24 37.54 -13.74 9.68
CA ALA B 24 36.96 -13.61 8.35
C ALA B 24 37.72 -14.48 7.36
N SER B 25 36.98 -15.23 6.54
CA SER B 25 37.54 -16.00 5.44
C SER B 25 36.89 -15.51 4.15
N GLY B 26 37.72 -15.27 3.13
CA GLY B 26 37.20 -14.68 1.92
C GLY B 26 37.62 -13.23 1.78
N PHE B 27 36.70 -12.32 2.09
CA PHE B 27 36.97 -10.90 2.00
C PHE B 27 38.06 -10.48 2.99
N ASN B 28 38.57 -9.28 2.80
CA ASN B 28 39.53 -8.66 3.71
C ASN B 28 38.81 -7.66 4.61
N VAL B 29 39.29 -7.54 5.85
CA VAL B 29 38.72 -6.56 6.76
C VAL B 29 39.05 -5.14 6.36
N VAL B 30 40.01 -4.93 5.46
CA VAL B 30 40.30 -3.58 5.00
C VAL B 30 39.26 -3.09 4.01
N ASP B 31 38.51 -3.98 3.37
CA ASP B 31 37.52 -3.60 2.38
C ASP B 31 36.09 -3.61 2.93
N PHE B 32 35.90 -3.95 4.21
CA PHE B 32 34.57 -4.00 4.79
C PHE B 32 34.65 -3.62 6.26
N SER B 33 33.52 -3.16 6.79
CA SER B 33 33.38 -2.83 8.20
C SER B 33 32.73 -3.99 8.94
N LEU B 34 33.15 -4.20 10.18
CA LEU B 34 32.67 -5.32 10.98
C LEU B 34 31.87 -4.81 12.16
N HIS B 35 30.66 -5.31 12.32
CA HIS B 35 29.77 -4.87 13.39
C HIS B 35 29.47 -6.03 14.34
N TRP B 36 29.27 -5.69 15.60
CA TRP B 36 28.81 -6.64 16.61
C TRP B 36 27.42 -6.21 17.08
N VAL B 37 26.47 -7.14 16.99
CA VAL B 37 25.09 -6.93 17.40
C VAL B 37 24.72 -8.00 18.41
N ARG B 38 24.15 -7.60 19.53
CA ARG B 38 23.84 -8.55 20.60
C ARG B 38 22.33 -8.77 20.70
N GLN B 39 21.97 -9.99 21.07
CA GLN B 39 20.57 -10.38 21.25
C GLN B 39 20.44 -10.99 22.64
N ALA B 40 19.72 -10.31 23.53
CA ALA B 40 19.46 -10.82 24.85
C ALA B 40 18.52 -12.03 24.76
N PRO B 41 18.60 -12.96 25.72
CA PRO B 41 17.70 -14.12 25.69
C PRO B 41 16.26 -13.71 25.87
N GLY B 42 15.45 -13.96 24.85
CA GLY B 42 14.06 -13.57 24.86
C GLY B 42 13.80 -12.14 24.44
N LYS B 43 14.78 -11.46 23.86
CA LYS B 43 14.59 -10.08 23.43
C LYS B 43 15.04 -9.90 21.98
N GLY B 44 15.07 -8.65 21.51
CA GLY B 44 15.44 -8.35 20.15
C GLY B 44 16.89 -7.93 20.00
N LEU B 45 17.25 -7.63 18.75
CA LEU B 45 18.61 -7.24 18.42
C LEU B 45 18.86 -5.77 18.75
N GLU B 46 20.03 -5.50 19.33
CA GLU B 46 20.48 -4.13 19.52
C GLU B 46 21.95 -4.03 19.12
N TRP B 47 22.31 -2.92 18.50
CA TRP B 47 23.65 -2.74 17.97
C TRP B 47 24.58 -2.34 19.09
N VAL B 48 25.70 -3.05 19.23
CA VAL B 48 26.62 -2.81 20.33
C VAL B 48 27.95 -2.23 19.89
N ALA B 49 28.46 -2.58 18.70
CA ALA B 49 29.76 -2.03 18.31
C ALA B 49 29.94 -2.12 16.81
N TYR B 50 30.92 -1.38 16.30
CA TYR B 50 31.37 -1.55 14.93
C TYR B 50 32.79 -1.04 14.80
N ILE B 51 33.45 -1.46 13.72
CA ILE B 51 34.84 -1.11 13.46
C ILE B 51 35.02 -0.99 11.95
N SER B 52 35.79 0.00 11.53
CA SER B 52 36.18 0.21 10.14
C SER B 52 37.70 0.11 10.07
N SER B 53 38.20 -1.02 9.59
CA SER B 53 39.64 -1.28 9.60
C SER B 53 40.40 -0.45 8.58
N SER B 54 39.72 0.25 7.68
CA SER B 54 40.40 1.07 6.69
C SER B 54 41.15 2.22 7.35
N SER B 55 40.51 2.90 8.30
CA SER B 55 41.14 4.03 8.96
C SER B 55 41.04 3.93 10.47
N GLY B 56 39.96 3.34 10.95
CA GLY B 56 39.66 3.34 12.37
C GLY B 56 38.61 4.38 12.69
N SER B 57 37.36 3.94 12.81
CA SER B 57 36.23 4.83 13.03
C SER B 57 35.31 4.27 14.09
N THR B 58 35.91 3.78 15.16
CA THR B 58 35.18 3.10 16.23
C THR B 58 34.16 4.00 16.91
N SER B 59 32.93 3.51 17.05
CA SER B 59 31.96 4.10 17.96
C SER B 59 30.98 3.03 18.40
N TYR B 60 30.46 3.18 19.62
CA TYR B 60 29.62 2.18 20.25
C TYR B 60 28.22 2.74 20.51
N ALA B 61 27.40 1.97 21.20
CA ALA B 61 26.08 2.40 21.62
C ALA B 61 26.15 3.06 22.99
N ASP B 62 25.06 3.72 23.36
CA ASP B 62 25.03 4.46 24.62
C ASP B 62 24.97 3.54 25.83
N SER B 63 24.50 2.30 25.66
CA SER B 63 24.43 1.39 26.80
C SER B 63 25.79 0.87 27.20
N VAL B 64 26.76 0.84 26.28
CA VAL B 64 28.08 0.28 26.53
C VAL B 64 29.18 1.30 26.35
N LYS B 65 28.83 2.59 26.31
CA LYS B 65 29.84 3.62 26.13
C LYS B 65 30.75 3.69 27.35
N GLY B 66 32.05 3.77 27.10
CA GLY B 66 33.00 3.82 28.19
C GLY B 66 33.20 2.52 28.92
N ARG B 67 32.69 1.41 28.38
CA ARG B 67 32.75 0.11 29.03
C ARG B 67 33.23 -1.00 28.10
N PHE B 68 33.09 -0.85 26.79
CA PHE B 68 33.52 -1.84 25.81
C PHE B 68 34.69 -1.29 25.01
N THR B 69 35.36 -2.18 24.28
CA THR B 69 36.49 -1.77 23.44
C THR B 69 36.55 -2.70 22.24
N ILE B 70 36.74 -2.14 21.05
CA ILE B 70 36.79 -2.94 19.83
C ILE B 70 38.12 -2.65 19.11
N SER B 71 38.62 -3.66 18.41
CA SER B 71 39.85 -3.52 17.65
C SER B 71 39.85 -4.55 16.54
N ALA B 72 40.83 -4.43 15.63
CA ALA B 72 40.93 -5.37 14.52
C ALA B 72 42.39 -5.55 14.16
N ASP B 73 42.71 -6.74 13.64
CA ASP B 73 44.02 -7.06 13.13
C ASP B 73 43.88 -7.52 11.68
N THR B 74 44.68 -6.92 10.79
CA THR B 74 44.64 -7.25 9.38
C THR B 74 45.57 -8.40 9.01
N SER B 75 46.59 -8.68 9.83
CA SER B 75 47.47 -9.79 9.56
C SER B 75 46.75 -11.13 9.73
N LYS B 76 46.00 -11.27 10.82
CA LYS B 76 45.24 -12.48 11.08
C LYS B 76 43.81 -12.40 10.57
N ASN B 77 43.40 -11.25 10.03
CA ASN B 77 42.05 -11.03 9.48
C ASN B 77 40.98 -11.27 10.55
N THR B 78 41.11 -10.57 11.68
CA THR B 78 40.24 -10.80 12.82
C THR B 78 39.79 -9.49 13.43
N ALA B 79 38.69 -9.55 14.17
CA ALA B 79 38.16 -8.41 14.91
C ALA B 79 37.87 -8.86 16.34
N TYR B 80 38.36 -8.11 17.31
CA TYR B 80 38.26 -8.47 18.72
C TYR B 80 37.41 -7.45 19.46
N LEU B 81 36.60 -7.96 20.40
CA LEU B 81 35.78 -7.12 21.26
C LEU B 81 36.05 -7.48 22.71
N GLN B 82 36.39 -6.49 23.52
CA GLN B 82 36.77 -6.68 24.91
C GLN B 82 35.76 -5.96 25.79
N MET B 83 35.24 -6.67 26.80
CA MET B 83 34.32 -6.09 27.77
C MET B 83 34.94 -6.15 29.15
N ASN B 84 34.99 -5.00 29.81
CA ASN B 84 35.49 -4.88 31.17
C ASN B 84 34.36 -4.40 32.06
N SER B 85 34.30 -4.95 33.28
CA SER B 85 33.26 -4.64 34.27
C SER B 85 31.86 -4.91 33.70
N LEU B 86 31.63 -6.20 33.39
CA LEU B 86 30.35 -6.60 32.82
C LEU B 86 29.24 -6.49 33.86
N ARG B 87 28.12 -5.91 33.46
CA ARG B 87 26.93 -5.89 34.27
C ARG B 87 26.14 -7.18 34.05
N ALA B 88 25.16 -7.40 34.92
CA ALA B 88 24.38 -8.63 34.87
C ALA B 88 23.40 -8.68 33.70
N GLU B 89 23.08 -7.54 33.11
CA GLU B 89 22.15 -7.48 31.99
C GLU B 89 22.85 -7.59 30.64
N ASP B 90 24.17 -7.79 30.62
CA ASP B 90 24.91 -7.92 29.38
C ASP B 90 24.93 -9.35 28.86
N THR B 91 24.27 -10.29 29.54
CA THR B 91 24.18 -11.64 29.02
C THR B 91 23.35 -11.66 27.74
N ALA B 92 23.92 -12.26 26.70
CA ALA B 92 23.32 -12.21 25.37
C ALA B 92 24.06 -13.20 24.48
N VAL B 93 23.64 -13.25 23.22
CA VAL B 93 24.38 -13.92 22.17
C VAL B 93 24.84 -12.86 21.19
N TYR B 94 26.14 -12.87 20.86
CA TYR B 94 26.76 -11.83 20.07
C TYR B 94 26.97 -12.32 18.65
N TYR B 95 26.65 -11.47 17.68
CA TYR B 95 26.70 -11.77 16.27
C TYR B 95 27.65 -10.81 15.57
N CYS B 96 28.45 -11.35 14.65
CA CYS B 96 29.40 -10.58 13.86
C CYS B 96 28.86 -10.42 12.45
N ALA B 97 28.80 -9.18 11.96
CA ALA B 97 28.22 -8.87 10.67
C ALA B 97 29.19 -8.03 9.86
N ARG B 98 29.01 -8.07 8.54
CA ARG B 98 29.86 -7.37 7.59
C ARG B 98 29.04 -6.35 6.82
N TRP B 99 29.54 -5.11 6.76
CA TRP B 99 28.84 -4.02 6.09
C TRP B 99 29.81 -3.26 5.21
N GLY B 100 29.40 -2.98 3.97
CA GLY B 100 30.26 -2.38 2.98
C GLY B 100 30.50 -0.90 3.21
N TYR B 101 31.20 -0.31 2.24
CA TYR B 101 31.64 1.08 2.29
C TYR B 101 30.92 1.90 1.23
N TRP B 102 30.78 3.18 1.51
CA TRP B 102 30.31 4.13 0.50
C TRP B 102 31.36 4.24 -0.60
N PRO B 103 30.95 4.32 -1.87
CA PRO B 103 29.59 4.38 -2.41
C PRO B 103 29.08 3.07 -2.99
N GLY B 104 27.90 3.13 -3.60
CA GLY B 104 27.40 2.04 -4.38
C GLY B 104 26.72 0.95 -3.57
N GLU B 105 26.54 -0.18 -4.24
CA GLU B 105 25.84 -1.32 -3.65
C GLU B 105 26.45 -1.87 -2.36
N PRO B 106 27.78 -1.94 -2.17
CA PRO B 106 28.28 -2.49 -0.89
C PRO B 106 27.77 -1.76 0.35
N TRP B 107 27.63 -0.44 0.32
CA TRP B 107 27.01 0.24 1.46
C TRP B 107 25.51 -0.01 1.49
N TRP B 108 24.86 0.05 0.33
CA TRP B 108 23.40 -0.13 0.29
C TRP B 108 23.01 -1.53 0.72
N LYS B 109 23.85 -2.51 0.43
CA LYS B 109 23.72 -3.80 1.09
C LYS B 109 24.05 -3.61 2.57
N ALA B 110 23.11 -3.98 3.42
CA ALA B 110 23.27 -3.86 4.87
C ALA B 110 24.15 -5.00 5.35
N PHE B 111 24.08 -5.33 6.64
CA PHE B 111 24.79 -6.48 7.15
C PHE B 111 24.47 -7.72 6.32
N ASP B 112 25.45 -8.19 5.55
CA ASP B 112 25.23 -9.21 4.54
C ASP B 112 25.47 -10.61 5.08
N TYR B 113 26.68 -10.85 5.58
CA TYR B 113 27.07 -12.15 6.09
C TYR B 113 27.22 -12.08 7.59
N TRP B 114 26.51 -12.96 8.30
CA TRP B 114 26.53 -13.02 9.74
C TRP B 114 27.24 -14.28 10.19
N GLY B 115 27.97 -14.20 11.29
CA GLY B 115 28.61 -15.35 11.87
C GLY B 115 27.63 -16.19 12.65
N GLN B 116 28.15 -17.29 13.22
CA GLN B 116 27.31 -18.16 14.03
C GLN B 116 26.83 -17.44 15.28
N GLY B 117 27.69 -16.63 15.88
CA GLY B 117 27.33 -15.89 17.07
C GLY B 117 27.53 -16.73 18.32
N THR B 118 28.23 -16.20 19.31
CA THR B 118 28.53 -16.97 20.49
C THR B 118 27.89 -16.35 21.72
N LEU B 119 27.56 -17.19 22.69
CA LEU B 119 26.76 -16.81 23.84
C LEU B 119 27.66 -16.49 25.02
N VAL B 120 27.40 -15.34 25.65
CA VAL B 120 28.07 -14.97 26.89
C VAL B 120 27.02 -14.71 27.95
N THR B 121 27.26 -15.26 29.14
CA THR B 121 26.36 -15.09 30.27
C THR B 121 27.15 -14.65 31.49
N VAL B 122 26.46 -13.98 32.40
CA VAL B 122 27.05 -13.41 33.60
C VAL B 122 26.71 -14.33 34.76
N SER B 123 27.73 -14.98 35.32
CA SER B 123 27.55 -16.07 36.29
C SER B 123 27.51 -15.49 37.69
N SER B 124 26.31 -15.25 38.20
CA SER B 124 26.16 -14.78 39.57
C SER B 124 26.57 -15.85 40.58
N ALA B 125 26.43 -17.12 40.24
CA ALA B 125 26.75 -18.21 41.14
C ALA B 125 27.53 -19.29 40.41
N SER B 126 28.32 -20.04 41.15
CA SER B 126 29.14 -21.09 40.59
C SER B 126 28.31 -22.34 40.33
N THR B 127 28.96 -23.34 39.74
CA THR B 127 28.26 -24.54 39.30
C THR B 127 27.78 -25.38 40.48
N LYS B 128 26.61 -25.98 40.30
CA LYS B 128 26.07 -26.93 41.26
C LYS B 128 25.09 -27.84 40.54
N GLY B 129 24.89 -29.03 41.10
CA GLY B 129 24.06 -30.02 40.48
C GLY B 129 22.58 -29.73 40.63
N PRO B 130 21.78 -30.21 39.67
CA PRO B 130 20.33 -30.04 39.77
C PRO B 130 19.73 -30.91 40.87
N SER B 131 18.61 -30.45 41.39
CA SER B 131 17.78 -31.23 42.30
C SER B 131 16.53 -31.62 41.54
N VAL B 132 16.29 -32.93 41.42
CA VAL B 132 15.18 -33.46 40.65
C VAL B 132 14.09 -33.90 41.62
N PHE B 133 12.91 -33.32 41.48
CA PHE B 133 11.77 -33.56 42.34
C PHE B 133 10.59 -34.03 41.50
N PRO B 134 9.68 -34.81 42.06
CA PRO B 134 8.53 -35.27 41.29
C PRO B 134 7.37 -34.28 41.37
N LEU B 135 6.42 -34.44 40.44
CA LEU B 135 5.18 -33.69 40.41
C LEU B 135 4.09 -34.75 40.36
N ALA B 136 3.68 -35.24 41.52
CA ALA B 136 2.81 -36.39 41.59
C ALA B 136 1.40 -36.02 41.16
N PRO B 137 0.82 -36.70 40.17
CA PRO B 137 -0.58 -36.43 39.82
C PRO B 137 -1.52 -36.86 40.94
N SER B 138 -2.59 -36.09 41.10
CA SER B 138 -3.60 -36.43 42.09
C SER B 138 -4.39 -37.64 41.64
N SER B 139 -4.83 -38.45 42.62
CA SER B 139 -5.59 -39.65 42.31
C SER B 139 -6.95 -39.29 41.68
N LYS B 140 -7.59 -38.25 42.20
CA LYS B 140 -8.88 -37.81 41.66
C LYS B 140 -8.73 -36.90 40.45
N SER B 141 -7.51 -36.54 40.06
CA SER B 141 -7.28 -35.68 38.90
C SER B 141 -7.47 -36.52 37.64
N THR B 142 -8.70 -36.48 37.12
CA THR B 142 -9.10 -37.20 35.90
C THR B 142 -8.79 -38.70 36.01
N SER B 143 -9.44 -39.35 36.96
CA SER B 143 -9.28 -40.78 37.15
C SER B 143 -9.90 -41.53 35.98
N GLY B 144 -9.16 -42.49 35.44
CA GLY B 144 -9.59 -43.23 34.27
C GLY B 144 -9.34 -42.55 32.95
N GLY B 145 -8.77 -41.35 32.95
CA GLY B 145 -8.49 -40.64 31.72
C GLY B 145 -7.02 -40.25 31.60
N THR B 146 -6.76 -39.06 31.07
CA THR B 146 -5.39 -38.59 30.86
C THR B 146 -4.93 -37.80 32.08
N ALA B 147 -3.77 -38.18 32.61
CA ALA B 147 -3.18 -37.52 33.76
C ALA B 147 -1.74 -37.13 33.47
N ALA B 148 -1.29 -36.06 34.10
CA ALA B 148 0.03 -35.49 33.84
C ALA B 148 1.02 -35.97 34.90
N LEU B 149 2.13 -36.54 34.45
CA LEU B 149 3.32 -36.78 35.24
C LEU B 149 4.32 -35.69 34.96
N GLY B 150 5.25 -35.49 35.88
CA GLY B 150 6.25 -34.45 35.66
C GLY B 150 7.39 -34.54 36.65
N CYS B 151 8.52 -33.99 36.23
CA CYS B 151 9.68 -33.82 37.09
C CYS B 151 10.16 -32.38 37.01
N LEU B 152 10.39 -31.78 38.16
CA LEU B 152 10.86 -30.41 38.29
C LEU B 152 12.32 -30.44 38.72
N VAL B 153 13.20 -29.89 37.89
CA VAL B 153 14.60 -29.77 38.22
C VAL B 153 14.87 -28.33 38.64
N LYS B 154 15.57 -28.15 39.75
CA LYS B 154 15.80 -26.84 40.33
C LYS B 154 17.27 -26.68 40.69
N ASP B 155 17.71 -25.42 40.68
CA ASP B 155 19.00 -25.02 41.25
C ASP B 155 20.17 -25.73 40.56
N TYR B 156 20.30 -25.47 39.25
CA TYR B 156 21.41 -26.00 38.49
C TYR B 156 22.05 -24.88 37.67
N PHE B 157 23.37 -24.96 37.53
CA PHE B 157 24.13 -24.01 36.75
C PHE B 157 25.27 -24.78 36.10
N PRO B 158 25.54 -24.58 34.80
CA PRO B 158 24.94 -23.61 33.87
C PRO B 158 23.66 -24.06 33.18
N GLU B 159 23.35 -23.42 32.06
CA GLU B 159 22.06 -23.58 31.41
C GLU B 159 21.76 -24.99 30.89
N PRO B 160 22.60 -25.63 30.04
CA PRO B 160 22.11 -26.81 29.31
C PRO B 160 21.94 -28.05 30.17
N VAL B 161 20.69 -28.49 30.30
CA VAL B 161 20.36 -29.75 30.96
C VAL B 161 19.39 -30.49 30.04
N THR B 162 19.42 -31.82 30.09
CA THR B 162 18.60 -32.64 29.21
C THR B 162 17.77 -33.59 30.06
N VAL B 163 16.45 -33.53 29.92
CA VAL B 163 15.54 -34.38 30.68
C VAL B 163 14.91 -35.38 29.70
N SER B 164 15.04 -36.66 30.02
CA SER B 164 14.52 -37.73 29.17
C SER B 164 13.63 -38.64 29.99
N TRP B 165 12.66 -39.24 29.31
CA TRP B 165 11.65 -40.09 29.93
C TRP B 165 11.89 -41.53 29.50
N ASN B 166 12.27 -42.38 30.45
CA ASN B 166 12.49 -43.81 30.22
C ASN B 166 13.51 -44.05 29.11
N SER B 167 14.61 -43.29 29.16
CA SER B 167 15.67 -43.33 28.14
C SER B 167 15.11 -43.10 26.74
N GLY B 168 14.20 -42.13 26.62
CA GLY B 168 13.62 -41.80 25.34
C GLY B 168 12.54 -42.74 24.86
N ALA B 169 12.02 -43.60 25.72
CA ALA B 169 10.98 -44.53 25.30
C ALA B 169 9.68 -43.80 24.97
N LEU B 170 9.23 -42.92 25.87
CA LEU B 170 8.02 -42.14 25.68
C LEU B 170 8.41 -40.76 25.15
N THR B 171 7.91 -40.42 23.96
CA THR B 171 8.25 -39.14 23.34
C THR B 171 6.97 -38.43 22.93
N SER B 172 5.91 -39.19 22.68
CA SER B 172 4.63 -38.60 22.32
C SER B 172 3.99 -37.95 23.55
N GLY B 173 3.48 -36.74 23.37
CA GLY B 173 2.80 -36.04 24.44
C GLY B 173 3.68 -35.62 25.59
N VAL B 174 4.94 -35.25 25.31
CA VAL B 174 5.85 -34.75 26.32
C VAL B 174 6.09 -33.27 26.05
N HIS B 175 6.42 -32.54 27.11
CA HIS B 175 6.70 -31.11 27.01
C HIS B 175 7.80 -30.78 27.99
N THR B 176 8.97 -30.44 27.48
CA THR B 176 10.01 -29.83 28.29
C THR B 176 9.89 -28.32 28.19
N PHE B 177 10.28 -27.65 29.26
CA PHE B 177 10.02 -26.22 29.29
C PHE B 177 11.31 -25.44 29.15
N PRO B 178 11.26 -24.27 28.52
CA PRO B 178 12.46 -23.42 28.48
C PRO B 178 12.81 -22.92 29.87
N ALA B 179 14.07 -23.10 30.24
CA ALA B 179 14.52 -22.79 31.60
C ALA B 179 14.41 -21.30 31.87
N VAL B 180 14.13 -20.96 33.13
CA VAL B 180 14.00 -19.58 33.55
C VAL B 180 15.04 -19.31 34.62
N LEU B 181 15.37 -18.03 34.78
CA LEU B 181 16.30 -17.60 35.82
C LEU B 181 15.50 -17.25 37.07
N GLN B 182 15.85 -17.88 38.19
CA GLN B 182 15.20 -17.58 39.44
C GLN B 182 15.70 -16.24 39.99
N SER B 183 15.02 -15.76 41.04
CA SER B 183 15.45 -14.55 41.71
C SER B 183 16.80 -14.72 42.38
N SER B 184 17.17 -15.95 42.73
CA SER B 184 18.48 -16.23 43.31
C SER B 184 19.58 -16.32 42.26
N GLY B 185 19.24 -16.23 40.98
CA GLY B 185 20.22 -16.38 39.92
C GLY B 185 20.48 -17.81 39.52
N LEU B 186 19.58 -18.73 39.87
CA LEU B 186 19.74 -20.14 39.55
C LEU B 186 18.65 -20.56 38.56
N TYR B 187 18.87 -21.70 37.92
CA TYR B 187 18.02 -22.14 36.83
C TYR B 187 17.02 -23.20 37.30
N SER B 188 15.81 -23.14 36.75
CA SER B 188 14.77 -24.12 37.01
C SER B 188 14.14 -24.55 35.70
N LEU B 189 13.66 -25.78 35.67
CA LEU B 189 13.04 -26.34 34.47
C LEU B 189 12.04 -27.40 34.91
N SER B 190 11.03 -27.63 34.09
CA SER B 190 10.02 -28.63 34.37
C SER B 190 9.76 -29.44 33.12
N SER B 191 9.55 -30.74 33.29
CA SER B 191 9.21 -31.62 32.18
C SER B 191 7.95 -32.38 32.54
N VAL B 192 6.95 -32.34 31.65
CA VAL B 192 5.66 -32.97 31.91
C VAL B 192 5.34 -33.92 30.75
N VAL B 193 4.49 -34.90 31.05
CA VAL B 193 4.00 -35.83 30.03
C VAL B 193 2.61 -36.30 30.45
N THR B 194 1.69 -36.32 29.49
CA THR B 194 0.31 -36.72 29.75
C THR B 194 0.12 -38.16 29.27
N VAL B 195 -0.23 -39.05 30.19
CA VAL B 195 -0.46 -40.45 29.85
C VAL B 195 -1.88 -40.84 30.22
N PRO B 196 -2.57 -41.65 29.41
CA PRO B 196 -3.96 -41.96 29.71
C PRO B 196 -4.15 -43.22 30.54
N SER B 197 -4.86 -43.08 31.67
CA SER B 197 -5.38 -44.17 32.49
C SER B 197 -4.37 -45.28 32.75
N SER B 198 -4.85 -46.53 32.75
CA SER B 198 -4.02 -47.73 32.88
C SER B 198 -3.19 -47.73 34.16
N SER B 199 -3.70 -47.07 35.20
CA SER B 199 -2.95 -46.79 36.43
C SER B 199 -1.60 -46.15 36.11
N LEU B 200 -1.62 -45.21 35.16
CA LEU B 200 -0.43 -44.54 34.64
C LEU B 200 0.59 -45.55 34.12
N GLY B 201 0.10 -46.57 33.40
CA GLY B 201 0.96 -47.55 32.77
C GLY B 201 1.52 -48.61 33.69
N THR B 202 1.13 -48.61 34.97
CA THR B 202 1.59 -49.49 36.06
C THR B 202 3.10 -49.76 36.01
N GLN B 203 3.88 -48.75 35.68
CA GLN B 203 5.33 -48.86 35.69
C GLN B 203 5.92 -47.61 36.32
N THR B 204 7.11 -47.77 36.88
CA THR B 204 7.80 -46.67 37.56
C THR B 204 8.34 -45.72 36.49
N TYR B 205 7.66 -44.58 36.32
CA TYR B 205 8.13 -43.57 35.39
C TYR B 205 9.40 -42.92 35.92
N ILE B 206 10.36 -42.72 35.03
CA ILE B 206 11.66 -42.19 35.43
C ILE B 206 11.92 -40.90 34.66
N CYS B 207 12.71 -40.03 35.29
CA CYS B 207 13.24 -38.83 34.65
C CYS B 207 14.75 -38.91 34.76
N ASN B 208 15.42 -39.06 33.62
CA ASN B 208 16.87 -39.08 33.57
C ASN B 208 17.33 -37.69 33.15
N VAL B 209 18.05 -37.01 34.03
CA VAL B 209 18.56 -35.69 33.73
C VAL B 209 20.06 -35.80 33.48
N ASN B 210 20.53 -35.03 32.50
CA ASN B 210 21.92 -34.97 32.12
C ASN B 210 22.38 -33.53 32.25
N HIS B 211 23.31 -33.29 33.17
CA HIS B 211 23.91 -31.99 33.39
C HIS B 211 25.42 -32.19 33.30
N LYS B 212 25.94 -32.03 32.08
CA LYS B 212 27.34 -32.38 31.81
C LYS B 212 28.36 -31.57 32.61
N PRO B 213 28.26 -30.24 32.75
CA PRO B 213 29.30 -29.53 33.54
C PRO B 213 29.37 -29.95 34.99
N SER B 214 28.25 -30.32 35.60
CA SER B 214 28.28 -30.88 36.94
C SER B 214 28.39 -32.40 36.95
N ASN B 215 28.49 -33.01 35.76
CA ASN B 215 28.59 -34.46 35.52
C ASN B 215 27.67 -35.27 36.45
N THR B 216 26.39 -34.89 36.46
CA THR B 216 25.39 -35.59 37.24
C THR B 216 24.56 -36.51 36.36
N LYS B 217 24.06 -37.58 36.97
CA LYS B 217 23.28 -38.61 36.30
C LYS B 217 22.06 -38.97 37.13
N VAL B 218 21.36 -37.96 37.61
CA VAL B 218 20.22 -38.18 38.51
C VAL B 218 19.08 -38.77 37.70
N ASP B 219 18.81 -40.04 37.89
CA ASP B 219 17.70 -40.74 37.24
C ASP B 219 16.66 -41.01 38.33
N LYS B 220 15.71 -40.10 38.46
CA LYS B 220 14.73 -40.13 39.54
C LYS B 220 13.47 -40.86 39.13
N LYS B 221 12.69 -41.27 40.12
CA LYS B 221 11.44 -41.98 39.92
C LYS B 221 10.28 -41.11 40.37
N VAL B 222 9.18 -41.15 39.62
CA VAL B 222 7.96 -40.42 39.98
C VAL B 222 6.82 -41.42 40.11
N GLU B 223 6.08 -41.32 41.20
CA GLU B 223 5.02 -42.25 41.55
C GLU B 223 3.76 -41.49 41.91
N PRO B 224 2.58 -42.08 41.68
CA PRO B 224 1.34 -41.43 42.09
C PRO B 224 1.17 -41.44 43.59
N LYS B 225 0.36 -40.51 44.08
CA LYS B 225 0.05 -40.43 45.49
C LYS B 225 -1.29 -41.08 45.79
N GLN C 14 -21.43 0.41 33.59
CA GLN C 14 -21.74 1.67 32.93
C GLN C 14 -21.63 1.55 31.41
N VAL C 15 -21.30 0.36 30.95
CA VAL C 15 -21.21 0.06 29.52
C VAL C 15 -22.12 -1.14 29.22
N GLN C 16 -22.78 -1.09 28.08
CA GLN C 16 -23.73 -2.13 27.70
C GLN C 16 -23.44 -2.60 26.28
N LEU C 17 -23.81 -3.83 25.98
CA LEU C 17 -23.65 -4.39 24.65
C LEU C 17 -24.95 -5.07 24.23
N GLN C 18 -25.36 -4.82 23.00
CA GLN C 18 -26.59 -5.37 22.45
C GLN C 18 -26.26 -6.29 21.28
N GLU C 19 -27.08 -7.31 21.11
CA GLU C 19 -26.92 -8.30 20.06
C GLU C 19 -28.26 -8.55 19.39
N SER C 20 -28.22 -8.98 18.14
CA SER C 20 -29.42 -9.15 17.33
C SER C 20 -29.23 -10.35 16.43
N GLY C 21 -30.15 -10.51 15.47
CA GLY C 21 -30.08 -11.60 14.51
C GLY C 21 -30.60 -12.91 15.08
N GLY C 22 -30.56 -13.93 14.23
CA GLY C 22 -30.92 -15.27 14.66
C GLY C 22 -32.40 -15.57 14.55
N GLY C 23 -32.94 -16.27 15.54
CA GLY C 23 -34.34 -16.67 15.51
C GLY C 23 -34.54 -18.11 15.12
N LEU C 24 -35.67 -18.42 14.50
CA LEU C 24 -35.98 -19.77 14.04
C LEU C 24 -35.56 -19.87 12.58
N VAL C 25 -34.49 -20.62 12.32
CA VAL C 25 -33.87 -20.68 11.00
C VAL C 25 -33.94 -22.10 10.46
N GLN C 26 -34.29 -22.23 9.18
CA GLN C 26 -34.28 -23.53 8.52
C GLN C 26 -32.84 -24.00 8.31
N PRO C 27 -32.61 -25.31 8.30
CA PRO C 27 -31.25 -25.82 8.16
C PRO C 27 -30.62 -25.49 6.81
N GLY C 28 -29.29 -25.40 6.83
CA GLY C 28 -28.51 -25.17 5.64
C GLY C 28 -28.33 -23.72 5.25
N GLY C 29 -28.99 -22.79 5.95
CA GLY C 29 -28.93 -21.39 5.58
C GLY C 29 -27.77 -20.64 6.18
N SER C 30 -27.60 -19.41 5.72
CA SER C 30 -26.57 -18.50 6.20
C SER C 30 -27.22 -17.34 6.93
N LEU C 31 -26.53 -16.83 7.94
CA LEU C 31 -27.03 -15.71 8.74
C LEU C 31 -25.94 -14.64 8.85
N ARG C 32 -26.28 -13.54 9.51
CA ARG C 32 -25.31 -12.49 9.80
C ARG C 32 -25.77 -11.83 11.10
N LEU C 33 -25.20 -12.27 12.21
CA LEU C 33 -25.58 -11.77 13.53
C LEU C 33 -24.66 -10.62 13.93
N SER C 34 -25.26 -9.49 14.27
CA SER C 34 -24.51 -8.29 14.60
C SER C 34 -24.47 -8.07 16.10
N CYS C 35 -23.49 -7.29 16.53
CA CYS C 35 -23.32 -6.97 17.94
C CYS C 35 -22.72 -5.58 18.04
N ALA C 36 -23.38 -4.70 18.80
CA ALA C 36 -22.97 -3.32 18.93
C ALA C 36 -22.93 -2.93 20.40
N ALA C 37 -21.88 -2.21 20.79
CA ALA C 37 -21.68 -1.82 22.18
C ALA C 37 -21.80 -0.31 22.32
N SER C 38 -22.39 0.13 23.44
CA SER C 38 -22.55 1.54 23.75
C SER C 38 -22.09 1.79 25.17
N GLY C 39 -21.54 2.98 25.39
CA GLY C 39 -20.97 3.36 26.67
C GLY C 39 -19.46 3.41 26.70
N ARG C 40 -18.80 2.92 25.64
CA ARG C 40 -17.34 2.92 25.57
C ARG C 40 -16.94 2.66 24.12
N THR C 41 -15.89 3.34 23.68
CA THR C 41 -15.37 3.09 22.34
C THR C 41 -14.61 1.77 22.31
N ILE C 42 -14.74 1.04 21.21
CA ILE C 42 -14.15 -0.28 21.09
C ILE C 42 -13.09 -0.24 20.00
N SER C 43 -12.43 0.91 19.86
CA SER C 43 -11.30 1.01 18.93
C SER C 43 -10.04 0.38 19.48
N ARG C 44 -10.01 0.03 20.76
CA ARG C 44 -8.82 -0.52 21.39
C ARG C 44 -9.18 -1.72 22.25
N TYR C 45 -10.14 -2.53 21.78
CA TYR C 45 -10.56 -3.74 22.49
C TYR C 45 -10.85 -4.82 21.47
N ALA C 46 -11.17 -6.02 21.96
CA ALA C 46 -11.50 -7.15 21.13
C ALA C 46 -12.77 -7.81 21.63
N MET C 47 -13.57 -8.31 20.70
CA MET C 47 -14.84 -8.95 21.03
C MET C 47 -14.79 -10.45 20.74
N SER C 48 -15.81 -11.15 21.20
CA SER C 48 -15.82 -12.60 21.04
C SER C 48 -17.26 -13.08 20.96
N TRP C 49 -17.43 -14.24 20.32
CA TRP C 49 -18.72 -14.91 20.19
C TRP C 49 -18.62 -16.28 20.82
N PHE C 50 -19.57 -16.59 21.70
CA PHE C 50 -19.63 -17.86 22.42
C PHE C 50 -20.98 -18.51 22.19
N ARG C 51 -21.05 -19.80 22.50
CA ARG C 51 -22.25 -20.60 22.25
C ARG C 51 -22.63 -21.35 23.51
N GLN C 52 -23.93 -21.36 23.84
CA GLN C 52 -24.43 -22.11 24.98
C GLN C 52 -25.54 -23.04 24.53
N ALA C 53 -25.35 -24.34 24.73
CA ALA C 53 -26.30 -25.37 24.33
C ALA C 53 -26.66 -26.24 25.53
N PRO C 54 -27.88 -26.77 25.56
CA PRO C 54 -28.21 -27.77 26.57
C PRO C 54 -27.36 -29.02 26.41
N GLY C 55 -27.00 -29.63 27.53
CA GLY C 55 -26.12 -30.77 27.52
C GLY C 55 -24.66 -30.37 27.61
N LYS C 56 -24.15 -29.71 26.58
CA LYS C 56 -22.79 -29.17 26.57
C LYS C 56 -22.89 -27.66 26.69
N GLU C 57 -22.63 -27.15 27.89
CA GLU C 57 -22.92 -25.76 28.21
C GLU C 57 -21.72 -24.86 27.96
N ARG C 58 -21.98 -23.70 27.34
CA ARG C 58 -21.06 -22.58 27.21
C ARG C 58 -19.78 -22.99 26.46
N GLU C 59 -19.98 -23.28 25.18
CA GLU C 59 -18.91 -23.54 24.24
C GLU C 59 -18.41 -22.22 23.63
N PHE C 60 -17.21 -22.26 23.07
CA PHE C 60 -16.59 -21.10 22.45
C PHE C 60 -16.70 -21.18 20.93
N VAL C 61 -16.92 -20.03 20.29
CA VAL C 61 -17.07 -19.99 18.83
C VAL C 61 -15.91 -19.24 18.17
N ALA C 62 -15.75 -17.95 18.46
CA ALA C 62 -14.77 -17.17 17.72
C ALA C 62 -14.39 -15.93 18.50
N VAL C 63 -13.30 -15.29 18.06
CA VAL C 63 -12.79 -14.04 18.63
C VAL C 63 -12.42 -13.11 17.49
N ALA C 64 -12.85 -11.85 17.58
CA ALA C 64 -12.45 -10.81 16.64
C ALA C 64 -11.59 -9.79 17.38
N ARG C 65 -10.43 -9.48 16.79
CA ARG C 65 -9.49 -8.54 17.34
C ARG C 65 -9.61 -7.20 16.59
N ARG C 66 -8.69 -6.28 16.87
CA ARG C 66 -8.72 -4.97 16.23
C ARG C 66 -8.09 -5.07 14.84
N SER C 67 -7.81 -3.91 14.25
CA SER C 67 -7.34 -3.86 12.87
C SER C 67 -5.95 -4.49 12.71
N GLY C 68 -5.08 -4.29 13.71
CA GLY C 68 -3.72 -4.79 13.59
C GLY C 68 -3.64 -6.30 13.57
N ASP C 69 -4.39 -6.96 14.44
CA ASP C 69 -4.41 -8.41 14.48
C ASP C 69 -5.55 -8.93 13.62
N GLY C 70 -5.85 -10.23 13.72
CA GLY C 70 -6.86 -10.83 12.86
C GLY C 70 -8.07 -11.36 13.59
N ALA C 71 -8.54 -12.54 13.18
CA ALA C 71 -9.70 -13.16 13.79
C ALA C 71 -9.44 -14.65 13.94
N PHE C 72 -9.85 -15.21 15.07
CA PHE C 72 -9.58 -16.60 15.39
C PHE C 72 -10.88 -17.36 15.60
N TYR C 73 -10.85 -18.65 15.27
CA TYR C 73 -12.04 -19.49 15.29
C TYR C 73 -11.77 -20.76 16.08
N ALA C 74 -12.86 -21.47 16.40
CA ALA C 74 -12.78 -22.72 17.15
C ALA C 74 -12.59 -23.88 16.18
N ASP C 75 -12.73 -25.11 16.68
CA ASP C 75 -12.44 -26.29 15.88
C ASP C 75 -13.66 -26.80 15.12
N SER C 76 -14.82 -26.83 15.76
CA SER C 76 -16.04 -27.31 15.11
C SER C 76 -16.69 -26.26 14.22
N VAL C 77 -16.17 -25.04 14.20
CA VAL C 77 -16.74 -23.95 13.43
C VAL C 77 -15.77 -23.37 12.41
N GLN C 78 -14.57 -23.92 12.31
CA GLN C 78 -13.53 -23.35 11.46
C GLN C 78 -13.88 -23.50 9.99
N GLY C 79 -13.67 -22.43 9.22
CA GLY C 79 -13.87 -22.43 7.79
C GLY C 79 -15.27 -22.07 7.35
N ARG C 80 -16.28 -22.53 8.09
CA ARG C 80 -17.67 -22.27 7.75
C ARG C 80 -18.21 -21.01 8.41
N PHE C 81 -17.44 -20.34 9.25
CA PHE C 81 -17.82 -19.06 9.81
C PHE C 81 -16.87 -17.98 9.31
N THR C 82 -17.23 -16.73 9.58
CA THR C 82 -16.39 -15.58 9.29
C THR C 82 -16.83 -14.45 10.22
N VAL C 83 -15.85 -13.78 10.83
CA VAL C 83 -16.12 -12.69 11.76
C VAL C 83 -15.50 -11.42 11.20
N SER C 84 -16.27 -10.34 11.20
CA SER C 84 -15.81 -9.05 10.70
C SER C 84 -16.13 -7.98 11.72
N ARG C 85 -15.56 -6.80 11.52
CA ARG C 85 -15.62 -5.74 12.52
C ARG C 85 -15.51 -4.38 11.84
N ASP C 86 -16.43 -3.48 12.15
CA ASP C 86 -16.34 -2.09 11.73
C ASP C 86 -16.42 -1.20 12.97
N ASP C 87 -15.48 -0.25 13.08
CA ASP C 87 -15.34 0.55 14.27
C ASP C 87 -16.06 1.89 14.21
N ALA C 88 -16.41 2.36 13.01
CA ALA C 88 -17.13 3.63 12.89
C ALA C 88 -18.52 3.51 13.50
N LYS C 89 -19.27 2.49 13.11
CA LYS C 89 -20.59 2.24 13.66
C LYS C 89 -20.55 1.40 14.93
N ASN C 90 -19.36 0.96 15.35
CA ASN C 90 -19.15 0.12 16.52
C ASN C 90 -19.98 -1.17 16.43
N THR C 91 -19.69 -1.96 15.40
CA THR C 91 -20.44 -3.17 15.17
C THR C 91 -19.49 -4.29 14.79
N VAL C 92 -19.84 -5.51 15.19
CA VAL C 92 -19.12 -6.71 14.78
C VAL C 92 -20.12 -7.72 14.25
N TYR C 93 -19.72 -8.44 13.21
CA TYR C 93 -20.58 -9.37 12.50
C TYR C 93 -20.03 -10.79 12.59
N LEU C 94 -20.94 -11.74 12.83
CA LEU C 94 -20.64 -13.17 12.81
C LEU C 94 -21.48 -13.83 11.73
N GLN C 95 -20.84 -14.62 10.88
CA GLN C 95 -21.49 -15.17 9.69
C GLN C 95 -21.64 -16.69 9.82
N MET C 96 -22.67 -17.22 9.17
CA MET C 96 -22.97 -18.64 9.18
C MET C 96 -22.81 -19.22 7.78
N ASN C 97 -22.47 -20.49 7.70
CA ASN C 97 -22.46 -21.23 6.45
C ASN C 97 -22.46 -22.72 6.79
N SER C 98 -23.24 -23.48 6.03
CA SER C 98 -23.44 -24.92 6.25
C SER C 98 -23.90 -25.18 7.69
N LEU C 99 -24.99 -24.51 8.07
CA LEU C 99 -25.50 -24.61 9.42
C LEU C 99 -26.18 -25.94 9.66
N LYS C 100 -25.41 -26.92 10.12
CA LYS C 100 -25.97 -28.23 10.42
C LYS C 100 -26.88 -28.12 11.66
N PRO C 101 -28.05 -28.79 11.65
CA PRO C 101 -29.10 -28.44 12.63
C PRO C 101 -28.85 -28.90 14.07
N GLU C 102 -27.65 -29.36 14.40
CA GLU C 102 -27.36 -29.64 15.80
C GLU C 102 -26.95 -28.41 16.59
N ASP C 103 -26.85 -27.26 15.94
CA ASP C 103 -26.51 -26.01 16.62
C ASP C 103 -27.74 -25.33 17.21
N THR C 104 -28.53 -26.10 17.97
CA THR C 104 -29.72 -25.57 18.64
C THR C 104 -29.26 -24.93 19.95
N ALA C 105 -28.69 -23.73 19.82
CA ALA C 105 -28.01 -23.12 20.96
C ALA C 105 -28.12 -21.62 20.87
N VAL C 106 -27.96 -20.97 22.02
CA VAL C 106 -28.01 -19.52 22.10
C VAL C 106 -26.60 -18.97 21.89
N TYR C 107 -26.53 -17.78 21.30
CA TYR C 107 -25.26 -17.18 20.89
C TYR C 107 -25.04 -15.90 21.68
N TYR C 108 -23.83 -15.72 22.20
CA TYR C 108 -23.52 -14.65 23.12
C TYR C 108 -22.37 -13.81 22.58
N CYS C 109 -22.55 -12.50 22.57
CA CYS C 109 -21.47 -11.56 22.29
C CYS C 109 -20.81 -11.19 23.60
N ALA C 110 -19.51 -10.90 23.54
CA ALA C 110 -18.77 -10.53 24.75
C ALA C 110 -17.61 -9.61 24.37
N ILE C 111 -17.14 -8.85 25.36
CA ILE C 111 -16.09 -7.86 25.19
C ILE C 111 -14.99 -8.12 26.21
N ASP C 112 -13.74 -8.01 25.74
CA ASP C 112 -12.58 -8.26 26.60
C ASP C 112 -12.25 -7.01 27.41
N SER C 113 -11.92 -7.21 28.68
CA SER C 113 -11.63 -6.12 29.60
C SER C 113 -10.13 -5.90 29.79
N ASP C 114 -9.28 -6.58 29.02
CA ASP C 114 -7.85 -6.40 29.09
C ASP C 114 -7.33 -6.11 27.68
N THR C 115 -6.55 -5.04 27.56
CA THR C 115 -6.02 -4.66 26.25
C THR C 115 -4.93 -5.60 25.76
N PHE C 116 -4.38 -6.45 26.64
CA PHE C 116 -3.38 -7.42 26.28
C PHE C 116 -3.97 -8.80 26.01
N TYR C 117 -5.28 -8.86 25.75
CA TYR C 117 -5.95 -10.00 25.11
C TYR C 117 -6.00 -11.23 26.02
N SER C 118 -6.07 -11.00 27.33
CA SER C 118 -6.15 -12.12 28.27
C SER C 118 -7.52 -12.79 28.30
N GLY C 119 -8.50 -12.22 27.62
CA GLY C 119 -9.82 -12.84 27.57
C GLY C 119 -10.66 -12.69 28.81
N SER C 120 -10.35 -11.72 29.67
CA SER C 120 -11.16 -11.48 30.85
C SER C 120 -12.50 -10.89 30.41
N TYR C 121 -13.58 -11.61 30.70
CA TYR C 121 -14.92 -11.21 30.28
C TYR C 121 -15.65 -10.61 31.47
N ASP C 122 -15.98 -9.32 31.37
CA ASP C 122 -16.67 -8.60 32.43
C ASP C 122 -17.99 -8.00 32.00
N TYR C 123 -18.32 -8.03 30.71
CA TYR C 123 -19.58 -7.46 30.22
C TYR C 123 -20.13 -8.43 29.18
N TRP C 124 -21.04 -9.31 29.61
CA TRP C 124 -21.55 -10.39 28.78
C TRP C 124 -22.80 -9.97 28.01
N GLY C 125 -23.86 -9.61 28.71
CA GLY C 125 -25.09 -9.21 28.05
C GLY C 125 -26.25 -10.15 28.33
N GLN C 126 -27.10 -10.38 27.33
CA GLN C 126 -28.27 -11.22 27.48
C GLN C 126 -28.25 -12.47 26.61
N GLY C 127 -27.80 -12.36 25.36
CA GLY C 127 -27.70 -13.52 24.50
C GLY C 127 -28.93 -13.75 23.64
N THR C 128 -28.75 -13.75 22.32
CA THR C 128 -29.85 -13.94 21.39
C THR C 128 -30.06 -15.43 21.15
N GLN C 129 -31.30 -15.89 21.38
CA GLN C 129 -31.62 -17.30 21.19
C GLN C 129 -31.71 -17.64 19.71
N VAL C 130 -31.29 -18.84 19.36
CA VAL C 130 -31.33 -19.35 17.99
C VAL C 130 -31.85 -20.78 18.03
N THR C 131 -32.84 -21.07 17.18
CA THR C 131 -33.39 -22.41 17.05
C THR C 131 -33.31 -22.84 15.60
N VAL C 132 -32.68 -23.98 15.35
CA VAL C 132 -32.56 -24.55 14.01
C VAL C 132 -33.40 -25.82 13.98
N SER C 133 -34.35 -25.87 13.04
CA SER C 133 -35.28 -26.99 12.87
C SER C 133 -36.05 -27.31 14.16
N ASP D 1 19.05 7.20 18.71
CA ASP D 1 17.99 8.19 18.88
C ASP D 1 16.82 7.90 17.95
N ILE D 2 17.12 7.57 16.69
CA ILE D 2 16.07 7.28 15.73
C ILE D 2 15.39 5.97 16.11
N GLN D 3 14.08 6.02 16.29
CA GLN D 3 13.32 4.90 16.83
C GLN D 3 12.44 4.31 15.74
N MET D 4 12.49 3.00 15.59
CA MET D 4 11.67 2.27 14.62
C MET D 4 10.58 1.56 15.40
N THR D 5 9.33 1.91 15.12
CA THR D 5 8.17 1.26 15.74
C THR D 5 7.64 0.24 14.75
N GLN D 6 7.77 -1.04 15.10
CA GLN D 6 7.30 -2.14 14.26
C GLN D 6 5.99 -2.60 14.85
N SER D 7 4.89 -2.37 14.13
CA SER D 7 3.57 -2.41 14.76
C SER D 7 3.11 -3.83 15.09
N PRO D 8 2.95 -4.76 14.12
CA PRO D 8 2.32 -6.03 14.47
C PRO D 8 3.25 -6.97 15.21
N SER D 9 3.31 -6.81 16.54
CA SER D 9 4.28 -7.53 17.37
C SER D 9 4.17 -9.04 17.26
N SER D 10 3.02 -9.57 16.84
CA SER D 10 2.88 -10.99 16.57
C SER D 10 1.86 -11.20 15.47
N LEU D 11 2.24 -11.92 14.43
CA LEU D 11 1.35 -12.27 13.34
C LEU D 11 1.06 -13.75 13.36
N SER D 12 -0.13 -14.11 12.91
CA SER D 12 -0.56 -15.51 12.83
C SER D 12 -1.13 -15.73 11.44
N ALA D 13 -0.32 -16.26 10.54
CA ALA D 13 -0.72 -16.48 9.16
C ALA D 13 -0.44 -17.93 8.77
N SER D 14 -1.28 -18.45 7.88
CA SER D 14 -1.18 -19.84 7.46
C SER D 14 -0.34 -19.95 6.19
N VAL D 15 -0.27 -21.17 5.65
CA VAL D 15 0.55 -21.43 4.47
C VAL D 15 -0.09 -20.77 3.25
N GLY D 16 0.73 -20.12 2.44
CA GLY D 16 0.28 -19.52 1.21
C GLY D 16 -0.41 -18.18 1.37
N ASP D 17 -0.51 -17.66 2.58
CA ASP D 17 -1.18 -16.40 2.81
C ASP D 17 -0.26 -15.23 2.44
N ARG D 18 -0.76 -14.02 2.61
CA ARG D 18 -0.01 -12.79 2.33
C ARG D 18 0.24 -12.07 3.64
N VAL D 19 1.50 -11.75 3.91
CA VAL D 19 1.93 -11.19 5.19
C VAL D 19 2.44 -9.78 4.96
N THR D 20 1.92 -8.83 5.75
CA THR D 20 2.33 -7.44 5.66
C THR D 20 2.85 -7.00 7.03
N ILE D 21 4.10 -6.54 7.06
CA ILE D 21 4.73 -6.06 8.28
C ILE D 21 5.15 -4.61 8.05
N THR D 22 4.81 -3.74 8.99
CA THR D 22 5.07 -2.32 8.85
C THR D 22 6.06 -1.84 9.89
N CYS D 23 6.72 -0.72 9.57
CA CYS D 23 7.79 -0.17 10.40
C CYS D 23 7.81 1.33 10.19
N ARG D 24 7.71 2.10 11.27
CA ARG D 24 7.64 3.55 11.18
C ARG D 24 8.89 4.17 11.78
N ALA D 25 9.51 5.07 11.03
CA ALA D 25 10.73 5.76 11.45
C ALA D 25 10.39 7.13 11.99
N SER D 26 10.96 7.48 13.14
CA SER D 26 10.68 8.77 13.76
C SER D 26 11.18 9.92 12.89
N GLN D 27 12.44 9.84 12.45
CA GLN D 27 12.99 10.86 11.58
C GLN D 27 12.76 10.49 10.11
N SER D 28 13.22 11.35 9.22
CA SER D 28 13.02 11.16 7.79
C SER D 28 14.17 10.38 7.18
N VAL D 29 14.38 9.18 7.72
CA VAL D 29 15.37 8.26 7.18
C VAL D 29 15.04 7.96 5.73
N SER D 30 16.06 8.00 4.87
CA SER D 30 15.87 7.81 3.44
C SER D 30 15.57 6.35 3.17
N SER D 31 15.56 5.96 1.90
CA SER D 31 15.20 4.59 1.57
C SER D 31 16.33 3.64 1.93
N ALA D 32 16.73 3.64 3.20
CA ALA D 32 17.75 2.74 3.72
C ALA D 32 17.14 2.05 4.93
N VAL D 33 16.36 1.01 4.67
CA VAL D 33 15.91 0.07 5.69
C VAL D 33 16.19 -1.33 5.16
N ALA D 34 16.37 -2.25 6.08
CA ALA D 34 16.68 -3.63 5.75
C ALA D 34 15.80 -4.54 6.58
N TRP D 35 15.21 -5.53 5.94
CA TRP D 35 14.37 -6.51 6.58
C TRP D 35 15.15 -7.81 6.69
N TYR D 36 15.20 -8.35 7.91
CA TYR D 36 16.00 -9.50 8.27
C TYR D 36 15.13 -10.66 8.74
N GLN D 37 15.58 -11.87 8.44
CA GLN D 37 14.95 -13.09 8.89
C GLN D 37 15.87 -13.81 9.87
N GLN D 38 15.32 -14.23 11.00
CA GLN D 38 16.07 -14.96 12.02
C GLN D 38 15.27 -16.19 12.44
N LYS D 39 15.79 -17.36 12.13
CA LYS D 39 15.25 -18.60 12.63
C LYS D 39 15.69 -18.79 14.08
N PRO D 40 14.87 -19.46 14.90
CA PRO D 40 15.21 -19.61 16.33
C PRO D 40 16.46 -20.45 16.52
N GLY D 41 17.51 -19.82 17.04
CA GLY D 41 18.77 -20.47 17.32
C GLY D 41 19.90 -20.09 16.40
N LYS D 42 19.62 -19.45 15.27
CA LYS D 42 20.64 -19.11 14.27
C LYS D 42 20.71 -17.59 14.11
N ALA D 43 21.63 -17.16 13.25
CA ALA D 43 21.90 -15.76 13.00
C ALA D 43 20.94 -15.20 11.96
N PRO D 44 20.74 -13.88 11.97
CA PRO D 44 19.92 -13.27 10.92
C PRO D 44 20.53 -13.43 9.53
N LYS D 45 19.65 -13.60 8.55
CA LYS D 45 20.03 -13.59 7.14
C LYS D 45 19.27 -12.46 6.46
N LEU D 46 19.97 -11.69 5.64
CA LEU D 46 19.38 -10.51 5.02
C LEU D 46 18.32 -10.94 4.01
N LEU D 47 17.16 -10.31 4.08
CA LEU D 47 16.11 -10.50 3.09
C LEU D 47 15.99 -9.33 2.13
N ILE D 48 15.83 -8.11 2.64
CA ILE D 48 15.58 -6.95 1.80
C ILE D 48 16.48 -5.81 2.22
N TYR D 49 17.11 -5.15 1.26
CA TYR D 49 17.92 -3.97 1.51
C TYR D 49 17.49 -2.83 0.60
N SER D 50 17.73 -1.61 1.06
CA SER D 50 17.37 -0.37 0.37
C SER D 50 15.86 -0.26 0.12
N ALA D 51 15.07 -0.92 0.96
CA ALA D 51 13.62 -0.79 1.06
C ALA D 51 12.86 -1.30 -0.17
N SER D 52 13.57 -1.69 -1.23
CA SER D 52 12.91 -2.26 -2.40
C SER D 52 13.62 -3.45 -3.01
N SER D 53 14.92 -3.63 -2.80
CA SER D 53 15.72 -4.56 -3.58
C SER D 53 15.81 -5.91 -2.89
N LEU D 54 15.49 -6.96 -3.62
CA LEU D 54 15.61 -8.31 -3.10
C LEU D 54 17.07 -8.75 -3.12
N TYR D 55 17.47 -9.46 -2.08
CA TYR D 55 18.83 -9.96 -1.98
C TYR D 55 19.03 -11.12 -2.95
N SER D 56 20.27 -11.31 -3.38
CA SER D 56 20.60 -12.38 -4.32
C SER D 56 20.65 -13.70 -3.55
N GLY D 57 19.56 -14.45 -3.60
CA GLY D 57 19.48 -15.72 -2.89
C GLY D 57 18.14 -15.94 -2.23
N VAL D 58 17.48 -14.87 -1.82
CA VAL D 58 16.17 -14.97 -1.19
C VAL D 58 15.12 -15.15 -2.27
N PRO D 59 14.03 -15.87 -2.00
CA PRO D 59 13.01 -16.06 -3.02
C PRO D 59 12.29 -14.77 -3.36
N SER D 60 11.65 -14.78 -4.53
CA SER D 60 10.92 -13.62 -5.03
C SER D 60 9.59 -13.42 -4.33
N ARG D 61 9.27 -14.24 -3.32
CA ARG D 61 8.06 -14.03 -2.53
C ARG D 61 8.13 -12.71 -1.78
N PHE D 62 9.28 -12.41 -1.19
CA PHE D 62 9.46 -11.22 -0.39
C PHE D 62 9.54 -9.97 -1.26
N SER D 63 9.04 -8.86 -0.74
CA SER D 63 9.13 -7.59 -1.43
C SER D 63 9.02 -6.47 -0.40
N GLY D 64 9.58 -5.31 -0.76
CA GLY D 64 9.61 -4.18 0.15
C GLY D 64 9.03 -2.94 -0.50
N SER D 65 8.57 -2.04 0.35
CA SER D 65 7.96 -0.81 -0.13
C SER D 65 8.24 0.31 0.87
N ARG D 66 8.27 1.53 0.35
CA ARG D 66 8.52 2.73 1.15
C ARG D 66 7.47 3.77 0.82
N SER D 67 6.92 4.40 1.86
CA SER D 67 6.01 5.54 1.71
C SER D 67 6.41 6.55 2.77
N GLY D 68 7.27 7.48 2.40
CA GLY D 68 7.73 8.51 3.31
C GLY D 68 8.55 7.96 4.45
N THR D 69 7.96 7.98 5.65
CA THR D 69 8.59 7.42 6.83
C THR D 69 8.02 6.05 7.21
N ASP D 70 7.26 5.43 6.32
CA ASP D 70 6.70 4.11 6.55
C ASP D 70 7.38 3.09 5.63
N PHE D 71 7.68 1.92 6.17
CA PHE D 71 8.36 0.88 5.42
C PHE D 71 7.60 -0.42 5.60
N THR D 72 7.47 -1.18 4.53
CA THR D 72 6.60 -2.35 4.51
C THR D 72 7.31 -3.54 3.89
N LEU D 73 7.18 -4.69 4.54
CA LEU D 73 7.62 -5.97 4.01
C LEU D 73 6.38 -6.78 3.69
N THR D 74 6.25 -7.21 2.43
CA THR D 74 5.14 -8.02 1.98
C THR D 74 5.67 -9.37 1.51
N ILE D 75 5.16 -10.44 2.11
CA ILE D 75 5.44 -11.79 1.67
C ILE D 75 4.19 -12.28 0.94
N SER D 76 4.33 -12.49 -0.37
CA SER D 76 3.18 -12.84 -1.19
C SER D 76 2.71 -14.27 -0.91
N SER D 77 3.64 -15.21 -0.90
CA SER D 77 3.35 -16.60 -0.55
C SER D 77 4.14 -16.98 0.69
N LEU D 78 3.50 -17.74 1.57
CA LEU D 78 4.09 -18.08 2.86
C LEU D 78 4.35 -19.58 2.89
N GLN D 79 5.56 -19.97 2.50
CA GLN D 79 6.00 -21.35 2.60
C GLN D 79 6.16 -21.73 4.07
N PRO D 80 6.13 -23.04 4.37
CA PRO D 80 6.35 -23.46 5.76
C PRO D 80 7.71 -23.08 6.32
N GLU D 81 8.70 -22.85 5.46
CA GLU D 81 10.01 -22.42 5.94
C GLU D 81 10.04 -20.95 6.33
N ASP D 82 9.07 -20.16 5.88
CA ASP D 82 9.02 -18.74 6.21
C ASP D 82 8.23 -18.48 7.48
N PHE D 83 8.59 -19.20 8.54
CA PHE D 83 8.01 -19.02 9.87
C PHE D 83 9.18 -18.74 10.80
N ALA D 84 9.59 -17.48 10.87
CA ALA D 84 10.71 -17.08 11.70
C ALA D 84 10.41 -15.69 12.22
N THR D 85 11.41 -15.06 12.84
CA THR D 85 11.24 -13.70 13.33
C THR D 85 11.79 -12.73 12.31
N TYR D 86 11.09 -11.62 12.11
CA TYR D 86 11.44 -10.66 11.07
C TYR D 86 11.69 -9.31 11.70
N TYR D 87 12.81 -8.69 11.34
CA TYR D 87 13.29 -7.48 11.98
C TYR D 87 13.45 -6.35 10.96
N CYS D 88 13.19 -5.14 11.42
CA CYS D 88 13.31 -3.92 10.63
C CYS D 88 14.50 -3.13 11.14
N GLN D 89 15.41 -2.77 10.24
CA GLN D 89 16.61 -2.04 10.61
C GLN D 89 16.71 -0.78 9.77
N GLN D 90 16.94 0.36 10.42
CA GLN D 90 17.28 1.58 9.71
C GLN D 90 18.79 1.75 9.74
N TYR D 91 19.37 2.08 8.59
CA TYR D 91 20.80 2.34 8.49
C TYR D 91 21.00 3.66 7.77
N LEU D 92 20.94 4.74 8.53
CA LEU D 92 21.29 6.05 8.01
C LEU D 92 22.77 6.32 8.13
N TYR D 93 23.44 5.63 9.04
CA TYR D 93 24.86 5.77 9.27
C TYR D 93 25.30 4.53 10.04
N TYR D 94 26.62 4.32 10.11
CA TYR D 94 27.16 3.16 10.81
C TYR D 94 26.83 3.20 12.30
N SER D 95 26.82 4.39 12.88
CA SER D 95 26.69 4.55 14.33
C SER D 95 25.27 4.82 14.77
N LEU D 96 24.28 4.69 13.87
CA LEU D 96 22.91 5.03 14.17
C LEU D 96 21.96 3.84 13.98
N VAL D 97 22.51 2.62 13.97
CA VAL D 97 21.74 1.43 13.65
C VAL D 97 20.83 1.11 14.82
N THR D 98 19.51 1.23 14.61
CA THR D 98 18.52 0.85 15.59
C THR D 98 17.52 -0.10 14.94
N PHE D 99 17.25 -1.21 15.61
CA PHE D 99 16.36 -2.23 15.09
C PHE D 99 14.94 -2.01 15.60
N GLY D 100 14.01 -2.77 15.03
CA GLY D 100 12.65 -2.82 15.54
C GLY D 100 12.50 -3.86 16.63
N GLN D 101 11.29 -3.95 17.16
CA GLN D 101 11.03 -4.89 18.24
C GLN D 101 10.83 -6.31 17.74
N GLY D 102 10.55 -6.50 16.47
CA GLY D 102 10.45 -7.84 15.93
C GLY D 102 9.03 -8.34 15.86
N THR D 103 8.75 -9.13 14.83
CA THR D 103 7.47 -9.80 14.65
C THR D 103 7.70 -11.30 14.52
N LYS D 104 7.02 -12.08 15.36
CA LYS D 104 7.10 -13.53 15.33
C LYS D 104 5.92 -14.05 14.53
N VAL D 105 6.19 -14.50 13.31
CA VAL D 105 5.14 -15.06 12.45
C VAL D 105 4.91 -16.50 12.88
N GLU D 106 3.78 -16.75 13.55
CA GLU D 106 3.41 -18.07 14.01
C GLU D 106 2.34 -18.66 13.09
N ILE D 107 2.11 -19.96 13.25
CA ILE D 107 1.15 -20.68 12.43
C ILE D 107 -0.24 -20.52 13.01
N LYS D 108 -1.19 -20.07 12.19
CA LYS D 108 -2.57 -19.94 12.64
C LYS D 108 -3.18 -21.32 12.84
N ARG D 109 -4.05 -21.43 13.85
CA ARG D 109 -4.61 -22.71 14.24
C ARG D 109 -5.98 -22.46 14.88
N THR D 110 -6.83 -23.48 14.82
CA THR D 110 -8.11 -23.45 15.52
C THR D 110 -7.88 -23.34 17.03
N VAL D 111 -8.65 -22.46 17.67
CA VAL D 111 -8.42 -22.13 19.07
C VAL D 111 -8.84 -23.29 19.97
N ALA D 112 -7.97 -23.66 20.90
CA ALA D 112 -8.24 -24.72 21.85
C ALA D 112 -7.99 -24.22 23.25
N ALA D 113 -8.89 -24.58 24.17
CA ALA D 113 -8.74 -24.18 25.55
C ALA D 113 -7.68 -25.02 26.24
N PRO D 114 -6.95 -24.45 27.19
CA PRO D 114 -5.91 -25.21 27.89
C PRO D 114 -6.51 -26.21 28.86
N SER D 115 -5.86 -27.35 28.99
CA SER D 115 -6.22 -28.39 29.96
C SER D 115 -5.33 -28.19 31.17
N VAL D 116 -5.86 -27.52 32.18
CA VAL D 116 -5.06 -27.05 33.30
C VAL D 116 -4.95 -28.15 34.35
N PHE D 117 -3.77 -28.25 34.97
CA PHE D 117 -3.56 -29.16 36.08
C PHE D 117 -2.71 -28.47 37.14
N ILE D 118 -2.81 -28.94 38.37
CA ILE D 118 -2.07 -28.40 39.49
C ILE D 118 -1.40 -29.55 40.24
N PHE D 119 -0.17 -29.33 40.69
CA PHE D 119 0.54 -30.36 41.43
C PHE D 119 0.87 -29.88 42.83
N PRO D 120 0.56 -30.65 43.87
CA PRO D 120 0.99 -30.30 45.22
C PRO D 120 2.47 -30.55 45.38
N PRO D 121 3.10 -29.97 46.40
CA PRO D 121 4.51 -30.25 46.67
C PRO D 121 4.73 -31.69 47.10
N SER D 122 6.00 -32.03 47.33
CA SER D 122 6.41 -33.38 47.67
C SER D 122 7.07 -33.42 49.03
N ASP D 123 7.26 -34.65 49.52
CA ASP D 123 8.00 -34.84 50.77
C ASP D 123 9.46 -34.44 50.62
N SER D 124 10.02 -34.59 49.42
CA SER D 124 11.39 -34.17 49.19
C SER D 124 11.54 -32.67 49.34
N GLN D 125 10.52 -31.90 48.97
CA GLN D 125 10.60 -30.46 49.15
C GLN D 125 10.56 -30.07 50.62
N LEU D 126 9.72 -30.72 51.41
CA LEU D 126 9.67 -30.39 52.83
C LEU D 126 10.93 -30.87 53.56
N LYS D 127 11.55 -31.95 53.06
CA LYS D 127 12.89 -32.28 53.54
C LYS D 127 13.88 -31.20 53.16
N SER D 128 13.76 -30.66 51.94
CA SER D 128 14.62 -29.56 51.53
C SER D 128 14.24 -28.26 52.21
N GLY D 129 12.95 -27.96 52.31
CA GLY D 129 12.47 -26.76 52.93
C GLY D 129 11.99 -25.66 52.01
N THR D 130 11.87 -25.92 50.72
CA THR D 130 11.39 -24.93 49.75
C THR D 130 10.22 -25.53 48.98
N ALA D 131 9.02 -25.02 49.24
CA ALA D 131 7.81 -25.57 48.63
C ALA D 131 7.57 -24.89 47.29
N SER D 132 7.41 -25.70 46.24
CA SER D 132 7.10 -25.21 44.91
C SER D 132 5.82 -25.85 44.43
N VAL D 133 4.84 -25.02 44.06
CA VAL D 133 3.57 -25.49 43.52
C VAL D 133 3.50 -25.07 42.05
N VAL D 134 3.18 -26.02 41.19
CA VAL D 134 3.19 -25.80 39.75
C VAL D 134 1.79 -26.02 39.20
N CYS D 135 1.39 -25.18 38.25
CA CYS D 135 0.11 -25.27 37.58
C CYS D 135 0.38 -25.12 36.10
N LEU D 136 0.02 -26.12 35.30
CA LEU D 136 0.37 -26.13 33.89
C LEU D 136 -0.87 -26.05 33.01
N LEU D 137 -0.74 -25.29 31.95
CA LEU D 137 -1.68 -25.22 30.84
C LEU D 137 -1.11 -26.05 29.70
N ASN D 138 -1.92 -26.93 29.13
CA ASN D 138 -1.47 -27.83 28.08
C ASN D 138 -2.31 -27.64 26.84
N ASN D 139 -1.64 -27.41 25.70
CA ASN D 139 -2.23 -27.41 24.36
C ASN D 139 -3.33 -26.35 24.23
N PHE D 140 -2.91 -25.09 24.32
CA PHE D 140 -3.77 -23.95 24.00
C PHE D 140 -3.10 -23.14 22.91
N TYR D 141 -3.86 -22.80 21.86
CA TYR D 141 -3.20 -22.17 20.73
C TYR D 141 -2.89 -20.68 20.96
N PRO D 142 -3.85 -19.80 21.24
CA PRO D 142 -3.47 -18.39 21.40
C PRO D 142 -2.68 -18.21 22.69
N ARG D 143 -1.46 -17.69 22.56
CA ARG D 143 -0.55 -17.56 23.68
C ARG D 143 -1.08 -16.63 24.76
N GLU D 144 -1.98 -15.72 24.40
CA GLU D 144 -2.47 -14.70 25.32
C GLU D 144 -3.43 -15.34 26.32
N ALA D 145 -2.84 -15.94 27.35
CA ALA D 145 -3.58 -16.42 28.50
C ALA D 145 -2.86 -15.96 29.75
N LYS D 146 -3.55 -16.00 30.89
CA LYS D 146 -2.90 -15.66 32.15
C LYS D 146 -3.44 -16.54 33.26
N VAL D 147 -2.66 -16.61 34.34
CA VAL D 147 -3.00 -17.43 35.50
C VAL D 147 -2.71 -16.61 36.75
N GLN D 148 -3.65 -16.67 37.70
CA GLN D 148 -3.48 -16.05 39.00
C GLN D 148 -3.51 -17.10 40.10
N TRP D 149 -2.81 -16.82 41.18
CA TRP D 149 -2.69 -17.73 42.31
C TRP D 149 -3.48 -17.19 43.48
N LYS D 150 -4.34 -18.03 44.05
CA LYS D 150 -5.19 -17.67 45.17
C LYS D 150 -4.80 -18.47 46.40
N VAL D 151 -4.56 -17.77 47.49
CA VAL D 151 -4.29 -18.38 48.79
C VAL D 151 -5.39 -17.92 49.73
N ASP D 152 -6.46 -18.72 49.81
CA ASP D 152 -7.72 -18.34 50.46
C ASP D 152 -8.25 -17.02 49.90
N ASN D 153 -8.47 -17.03 48.59
CA ASN D 153 -9.04 -15.90 47.85
C ASN D 153 -8.20 -14.63 48.01
N ALA D 154 -6.90 -14.80 48.15
CA ALA D 154 -5.97 -13.69 48.24
C ALA D 154 -5.04 -13.72 47.03
N LEU D 155 -4.73 -12.54 46.50
CA LEU D 155 -3.88 -12.42 45.32
C LEU D 155 -2.42 -12.34 45.75
N GLN D 156 -1.56 -13.07 45.04
CA GLN D 156 -0.12 -12.99 45.23
C GLN D 156 0.54 -12.47 43.96
N SER D 157 1.54 -11.62 44.14
CA SER D 157 2.30 -11.06 43.03
C SER D 157 3.79 -11.12 43.35
N GLY D 158 4.59 -11.28 42.31
CA GLY D 158 6.03 -11.29 42.44
C GLY D 158 6.61 -12.60 42.93
N ASN D 159 5.79 -13.61 43.18
CA ASN D 159 6.27 -14.91 43.64
C ASN D 159 5.95 -16.04 42.66
N SER D 160 5.48 -15.71 41.46
CA SER D 160 5.14 -16.71 40.46
C SER D 160 5.92 -16.43 39.18
N GLN D 161 6.43 -17.48 38.57
CA GLN D 161 7.20 -17.39 37.34
C GLN D 161 6.58 -18.27 36.26
N GLU D 162 6.54 -17.75 35.04
CA GLU D 162 5.90 -18.43 33.92
C GLU D 162 6.95 -18.88 32.92
N SER D 163 6.79 -20.10 32.41
CA SER D 163 7.62 -20.62 31.34
C SER D 163 6.72 -21.13 30.22
N VAL D 164 6.96 -20.69 29.00
CA VAL D 164 6.13 -21.05 27.86
C VAL D 164 7.01 -21.65 26.77
N THR D 165 6.56 -22.78 26.22
CA THR D 165 7.27 -23.42 25.12
C THR D 165 6.96 -22.72 23.81
N GLU D 166 7.86 -22.90 22.85
CA GLU D 166 7.60 -22.44 21.50
C GLU D 166 6.59 -23.38 20.82
N GLN D 167 6.08 -22.94 19.69
CA GLN D 167 5.00 -23.65 19.03
C GLN D 167 5.47 -25.01 18.53
N ASP D 168 4.65 -26.02 18.77
CA ASP D 168 5.05 -27.40 18.53
C ASP D 168 5.10 -27.71 17.04
N SER D 169 5.65 -28.88 16.72
CA SER D 169 5.79 -29.30 15.33
C SER D 169 4.56 -30.02 14.81
N LYS D 170 4.01 -30.95 15.59
CA LYS D 170 2.89 -31.75 15.11
C LYS D 170 1.58 -30.97 15.16
N ASP D 171 1.15 -30.57 16.35
CA ASP D 171 -0.14 -29.90 16.53
C ASP D 171 -0.03 -28.39 16.55
N SER D 172 1.19 -27.84 16.51
CA SER D 172 1.44 -26.40 16.53
C SER D 172 0.76 -25.72 17.71
N THR D 173 0.93 -26.31 18.89
CA THR D 173 0.30 -25.82 20.11
C THR D 173 1.36 -25.24 21.05
N TYR D 174 0.90 -24.85 22.22
CA TYR D 174 1.76 -24.30 23.27
C TYR D 174 1.58 -25.10 24.55
N SER D 175 2.44 -24.80 25.52
CA SER D 175 2.33 -25.37 26.86
C SER D 175 3.00 -24.40 27.82
N LEU D 176 2.36 -24.14 28.95
CA LEU D 176 2.84 -23.15 29.90
C LEU D 176 2.86 -23.74 31.30
N SER D 177 3.84 -23.33 32.09
CA SER D 177 3.94 -23.74 33.47
C SER D 177 4.10 -22.50 34.34
N SER D 178 3.27 -22.39 35.37
CA SER D 178 3.38 -21.33 36.35
C SER D 178 3.83 -21.94 37.66
N THR D 179 4.93 -21.44 38.20
CA THR D 179 5.54 -21.98 39.40
C THR D 179 5.54 -20.92 40.49
N LEU D 180 4.99 -21.26 41.65
CA LEU D 180 4.97 -20.39 42.81
C LEU D 180 5.81 -21.03 43.91
N THR D 181 6.77 -20.27 44.43
CA THR D 181 7.75 -20.78 45.38
C THR D 181 7.59 -20.06 46.71
N LEU D 182 7.47 -20.85 47.78
CA LEU D 182 7.36 -20.33 49.13
C LEU D 182 8.34 -21.05 50.03
N SER D 183 8.69 -20.39 51.13
CA SER D 183 9.40 -21.06 52.21
C SER D 183 8.40 -21.84 53.06
N LYS D 184 8.92 -22.76 53.87
CA LYS D 184 8.03 -23.56 54.69
C LYS D 184 7.41 -22.74 55.82
N ALA D 185 8.10 -21.72 56.31
CA ALA D 185 7.48 -20.78 57.24
C ALA D 185 6.36 -20.01 56.55
N ASP D 186 6.44 -19.86 55.23
CA ASP D 186 5.40 -19.22 54.44
C ASP D 186 4.51 -20.25 53.73
N TYR D 187 4.61 -21.52 54.08
CA TYR D 187 3.83 -22.55 53.41
C TYR D 187 2.53 -22.87 54.13
N GLU D 188 2.58 -23.10 55.44
CA GLU D 188 1.39 -23.49 56.18
C GLU D 188 0.45 -22.33 56.48
N LYS D 189 0.80 -21.11 56.09
CA LYS D 189 -0.17 -20.03 56.12
C LYS D 189 -1.29 -20.33 55.13
N HIS D 190 -2.53 -20.22 55.62
CA HIS D 190 -3.74 -20.71 54.98
C HIS D 190 -3.68 -22.21 54.69
N LYS D 191 -4.70 -22.75 54.04
CA LYS D 191 -4.84 -24.20 53.95
C LYS D 191 -5.02 -24.68 52.53
N VAL D 192 -5.64 -23.86 51.68
CA VAL D 192 -5.88 -24.25 50.29
C VAL D 192 -5.08 -23.33 49.38
N TYR D 193 -4.75 -23.85 48.20
CA TYR D 193 -4.06 -23.11 47.17
C TYR D 193 -4.76 -23.38 45.83
N ALA D 194 -4.98 -22.32 45.06
CA ALA D 194 -5.69 -22.41 43.80
C ALA D 194 -4.91 -21.70 42.71
N CYS D 195 -4.98 -22.24 41.50
CA CYS D 195 -4.52 -21.55 40.30
C CYS D 195 -5.73 -21.40 39.39
N GLU D 196 -6.04 -20.16 39.02
CA GLU D 196 -7.15 -19.87 38.14
C GLU D 196 -6.62 -19.33 36.82
N VAL D 197 -7.11 -19.86 35.72
CA VAL D 197 -6.62 -19.55 34.39
C VAL D 197 -7.72 -18.84 33.62
N THR D 198 -7.34 -17.76 32.93
CA THR D 198 -8.22 -17.07 31.99
C THR D 198 -7.57 -17.12 30.62
N HIS D 199 -8.33 -17.62 29.64
CA HIS D 199 -7.89 -17.72 28.26
C HIS D 199 -9.08 -17.39 27.37
N GLN D 200 -8.79 -16.87 26.18
CA GLN D 200 -9.86 -16.41 25.29
C GLN D 200 -10.76 -17.55 24.84
N GLY D 201 -10.24 -18.78 24.82
CA GLY D 201 -11.08 -19.92 24.55
C GLY D 201 -11.89 -20.40 25.72
N LEU D 202 -11.70 -19.80 26.89
CA LEU D 202 -12.43 -20.16 28.09
C LEU D 202 -13.33 -18.99 28.48
N SER D 203 -14.62 -19.27 28.67
CA SER D 203 -15.56 -18.22 29.06
C SER D 203 -15.31 -17.76 30.48
N SER D 204 -15.46 -18.64 31.42
CA SER D 204 -15.19 -18.36 32.81
C SER D 204 -13.80 -18.86 33.19
N PRO D 205 -13.12 -18.17 34.10
CA PRO D 205 -11.81 -18.65 34.55
C PRO D 205 -11.93 -20.01 35.23
N VAL D 206 -11.00 -20.90 34.89
CA VAL D 206 -11.02 -22.27 35.38
C VAL D 206 -10.07 -22.37 36.56
N THR D 207 -10.57 -22.89 37.69
CA THR D 207 -9.81 -22.94 38.92
C THR D 207 -9.44 -24.38 39.25
N LYS D 208 -8.21 -24.58 39.69
CA LYS D 208 -7.75 -25.86 40.19
C LYS D 208 -7.16 -25.64 41.57
N SER D 209 -7.69 -26.33 42.57
CA SER D 209 -7.37 -26.08 43.96
C SER D 209 -6.93 -27.36 44.64
N PHE D 210 -6.20 -27.21 45.73
CA PHE D 210 -5.87 -28.33 46.59
C PHE D 210 -5.63 -27.82 48.00
N ASN D 211 -6.05 -28.61 48.98
CA ASN D 211 -5.93 -28.26 50.39
C ASN D 211 -4.66 -28.86 50.99
N ARG D 212 -4.18 -28.22 52.05
CA ARG D 212 -2.98 -28.70 52.75
C ARG D 212 -3.35 -29.42 54.03
#